data_6UG2
# 
_entry.id   6UG2 
# 
_audit_conform.dict_name       mmcif_pdbx.dic 
_audit_conform.dict_version    5.403 
_audit_conform.dict_location   http://mmcif.pdb.org/dictionaries/ascii/mmcif_pdbx.dic 
# 
loop_
_database_2.database_id 
_database_2.database_code 
_database_2.pdbx_database_accession 
_database_2.pdbx_DOI 
PDB   6UG2         pdb_00006ug2 10.2210/pdb6ug2/pdb 
WWPDB D_1000244557 ?            ?                   
# 
loop_
_pdbx_audit_revision_history.ordinal 
_pdbx_audit_revision_history.data_content_type 
_pdbx_audit_revision_history.major_revision 
_pdbx_audit_revision_history.minor_revision 
_pdbx_audit_revision_history.revision_date 
_pdbx_audit_revision_history.part_number 
1 'Structure model' 1 0 2020-12-02 ? 
2 'Structure model' 1 1 2025-04-02 ? 
# 
_pdbx_audit_revision_details.ordinal             1 
_pdbx_audit_revision_details.revision_ordinal    1 
_pdbx_audit_revision_details.data_content_type   'Structure model' 
_pdbx_audit_revision_details.provider            repository 
_pdbx_audit_revision_details.type                'Initial release' 
_pdbx_audit_revision_details.description         ? 
_pdbx_audit_revision_details.details             ? 
# 
loop_
_pdbx_audit_revision_group.ordinal 
_pdbx_audit_revision_group.revision_ordinal 
_pdbx_audit_revision_group.data_content_type 
_pdbx_audit_revision_group.group 
1 2 'Structure model' 'Data collection'     
2 2 'Structure model' 'Database references' 
3 2 'Structure model' 'Structure summary'   
# 
loop_
_pdbx_audit_revision_category.ordinal 
_pdbx_audit_revision_category.revision_ordinal 
_pdbx_audit_revision_category.data_content_type 
_pdbx_audit_revision_category.category 
1 2 'Structure model' chem_comp_atom            
2 2 'Structure model' chem_comp_bond            
3 2 'Structure model' database_2                
4 2 'Structure model' pdbx_entry_details        
5 2 'Structure model' pdbx_modification_feature 
# 
loop_
_pdbx_audit_revision_item.ordinal 
_pdbx_audit_revision_item.revision_ordinal 
_pdbx_audit_revision_item.data_content_type 
_pdbx_audit_revision_item.item 
1 2 'Structure model' '_database_2.pdbx_DOI'                         
2 2 'Structure model' '_database_2.pdbx_database_accession'          
3 2 'Structure model' '_pdbx_entry_details.has_protein_modification' 
# 
_pdbx_database_status.status_code                     REL 
_pdbx_database_status.status_code_sf                  REL 
_pdbx_database_status.status_code_mr                  ? 
_pdbx_database_status.entry_id                        6UG2 
_pdbx_database_status.recvd_initial_deposition_date   2019-09-25 
_pdbx_database_status.SG_entry                        N 
_pdbx_database_status.deposit_site                    RCSB 
_pdbx_database_status.process_site                    RCSB 
_pdbx_database_status.status_code_cs                  ? 
_pdbx_database_status.methods_development_category    ? 
_pdbx_database_status.pdb_format_compatible           Y 
_pdbx_database_status.status_code_nmr_data            ? 
# 
_pdbx_database_related.db_name        PDB 
_pdbx_database_related.details        'same molecule in a different crystal form' 
_pdbx_database_related.db_id          6UFU 
_pdbx_database_related.content_type   unspecified 
# 
loop_
_audit_author.name 
_audit_author.pdbx_ordinal 
_audit_author.identifier_ORCID 
'Mulligan, V.K.'  1 0000-0001-6038-8922 
'Kang, C.S.'      2 0000-0003-0959-0783 
'Antselovich, I.' 3 0000-0002-2208-9937 
'Sawaya, M.R.'    4 0000-0003-0874-9043 
'Yeates, T.O.'    5 0000-0001-5709-9839 
'Baker, D.'       6 0000-0001-7896-6217 
# 
_citation.abstract                  ? 
_citation.abstract_id_CAS           ? 
_citation.book_id_ISBN              ? 
_citation.book_publisher            ? 
_citation.book_publisher_city       ? 
_citation.book_title                ? 
_citation.coordinate_linkage        ? 
_citation.country                   US 
_citation.database_id_Medline       ? 
_citation.details                   ? 
_citation.id                        primary 
_citation.journal_abbrev            'Protein Sci.' 
_citation.journal_id_ASTM           PRCIEI 
_citation.journal_id_CSD            0795 
_citation.journal_id_ISSN           1469-896X 
_citation.journal_full              ? 
_citation.journal_issue             ? 
_citation.journal_volume            29 
_citation.language                  ? 
_citation.page_first                2433 
_citation.page_last                 2445 
_citation.title                     'Computational design of mixed chirality peptide macrocycles with internal symmetry.' 
_citation.year                      2020 
_citation.database_id_CSD           ? 
_citation.pdbx_database_id_DOI      10.1002/pro.3974 
_citation.pdbx_database_id_PubMed   33058266 
_citation.unpublished_flag          ? 
# 
loop_
_citation_author.citation_id 
_citation_author.name 
_citation_author.ordinal 
_citation_author.identifier_ORCID 
primary 'Mulligan, V.K.'  1  0000-0001-6038-8922 
primary 'Kang, C.S.'      2  0000-0003-0959-0783 
primary 'Sawaya, M.R.'    3  ?                   
primary 'Rettie, S.'      4  ?                   
primary 'Li, X.'          5  ?                   
primary 'Antselovich, I.' 6  ?                   
primary 'Craven, T.W.'    7  ?                   
primary 'Watkins, A.M.'   8  ?                   
primary 'Labonte, J.W.'   9  ?                   
primary 'DiMaio, F.'      10 ?                   
primary 'Yeates, T.O.'    11 0000-0001-5709-9839 
primary 'Baker, D.'       12 ?                   
# 
loop_
_entity.id 
_entity.type 
_entity.src_method 
_entity.pdbx_description 
_entity.formula_weight 
_entity.pdbx_number_of_molecules 
_entity.pdbx_ec 
_entity.pdbx_mutation 
_entity.pdbx_fragment 
_entity.details 
1 polymer     syn 'C2-1, Zappy, crystal form 2' 1021.079 1  ? ? ? 
;Residue 1 is partially racemized. Both DSN and SER are present at this position. The racemization was an undesired side product of the peptide synthesis.
;
2 non-polymer syn 'CALCIUM ION'                 40.078   1  ? ? ? ? 
3 water       nat water                         18.015   15 ? ? ? ? 
# 
_entity_poly.entity_id                      1 
_entity_poly.type                           'polypeptide(L)' 
_entity_poly.nstd_linkage                   no 
_entity_poly.nstd_monomer                   yes 
_entity_poly.pdbx_seq_one_letter_code       '(DSN)(DGL)(AIB)SL(DSN)(DGL)(AIB)SL' 
_entity_poly.pdbx_seq_one_letter_code_can   SEASLSEASL 
_entity_poly.pdbx_strand_id                 A 
_entity_poly.pdbx_target_identifier         ? 
# 
loop_
_pdbx_entity_nonpoly.entity_id 
_pdbx_entity_nonpoly.name 
_pdbx_entity_nonpoly.comp_id 
2 'CALCIUM ION' CA  
3 water         HOH 
# 
loop_
_entity_poly_seq.entity_id 
_entity_poly_seq.num 
_entity_poly_seq.mon_id 
_entity_poly_seq.hetero 
1 1  DSN y 
1 1  SER y 
1 2  DGL n 
1 3  AIB n 
1 4  SER n 
1 5  LEU n 
1 6  DSN n 
1 7  DGL n 
1 8  AIB n 
1 9  SER n 
1 10 LEU n 
# 
_pdbx_entity_src_syn.entity_id              1 
_pdbx_entity_src_syn.pdbx_src_id            1 
_pdbx_entity_src_syn.pdbx_alt_source_flag   sample 
_pdbx_entity_src_syn.pdbx_beg_seq_num       1 
_pdbx_entity_src_syn.pdbx_end_seq_num       10 
_pdbx_entity_src_syn.organism_scientific    'synthetic construct' 
_pdbx_entity_src_syn.organism_common_name   ? 
_pdbx_entity_src_syn.ncbi_taxonomy_id       32630 
_pdbx_entity_src_syn.details                ? 
# 
loop_
_chem_comp.id 
_chem_comp.type 
_chem_comp.mon_nstd_flag 
_chem_comp.name 
_chem_comp.pdbx_synonyms 
_chem_comp.formula 
_chem_comp.formula_weight 
AIB 'L-peptide linking' n 'ALPHA-AMINOISOBUTYRIC ACID' ? 'C4 H9 N O2'  103.120 
CA  non-polymer         . 'CALCIUM ION'                ? 'Ca 2'        40.078  
DGL 'D-peptide linking' . 'D-GLUTAMIC ACID'            ? 'C5 H9 N O4'  147.129 
DSN 'D-peptide linking' . D-SERINE                     ? 'C3 H7 N O3'  105.093 
HOH non-polymer         . WATER                        ? 'H2 O'        18.015  
LEU 'L-peptide linking' y LEUCINE                      ? 'C6 H13 N O2' 131.173 
SER 'L-peptide linking' y SERINE                       ? 'C3 H7 N O3'  105.093 
# 
loop_
_pdbx_poly_seq_scheme.asym_id 
_pdbx_poly_seq_scheme.entity_id 
_pdbx_poly_seq_scheme.seq_id 
_pdbx_poly_seq_scheme.mon_id 
_pdbx_poly_seq_scheme.ndb_seq_num 
_pdbx_poly_seq_scheme.pdb_seq_num 
_pdbx_poly_seq_scheme.auth_seq_num 
_pdbx_poly_seq_scheme.pdb_mon_id 
_pdbx_poly_seq_scheme.auth_mon_id 
_pdbx_poly_seq_scheme.pdb_strand_id 
_pdbx_poly_seq_scheme.pdb_ins_code 
_pdbx_poly_seq_scheme.hetero 
A 1 1  DSN 1  1  1  DSN DSN A . y 
A 1 1  SER 1  1  1  SER SER A . y 
A 1 2  DGL 2  2  2  DGL DGL A . n 
A 1 3  AIB 3  3  3  AIB AIB A . n 
A 1 4  SER 4  4  4  SER SER A . n 
A 1 5  LEU 5  5  5  LEU LEU A . n 
A 1 6  DSN 6  6  6  DSN DSN A . n 
A 1 7  DGL 7  7  7  DGL DGL A . n 
A 1 8  AIB 8  8  8  AIB AIB A . n 
A 1 9  SER 9  9  9  SER SER A . n 
A 1 10 LEU 10 10 10 LEU LEU A . n 
# 
loop_
_pdbx_nonpoly_scheme.asym_id 
_pdbx_nonpoly_scheme.entity_id 
_pdbx_nonpoly_scheme.mon_id 
_pdbx_nonpoly_scheme.ndb_seq_num 
_pdbx_nonpoly_scheme.pdb_seq_num 
_pdbx_nonpoly_scheme.auth_seq_num 
_pdbx_nonpoly_scheme.pdb_mon_id 
_pdbx_nonpoly_scheme.auth_mon_id 
_pdbx_nonpoly_scheme.pdb_strand_id 
_pdbx_nonpoly_scheme.pdb_ins_code 
B 2 CA  1  101 101 CA  CA  A . 
C 3 HOH 1  201 201 HOH HOH A . 
C 3 HOH 2  202 202 HOH HOH A . 
C 3 HOH 3  203 203 HOH HOH A . 
C 3 HOH 4  204 204 HOH HOH A . 
C 3 HOH 5  205 205 HOH HOH A . 
C 3 HOH 6  206 206 HOH HOH A . 
C 3 HOH 7  207 207 HOH HOH A . 
C 3 HOH 8  208 208 HOH HOH A . 
C 3 HOH 9  209 209 HOH HOH A . 
C 3 HOH 10 210 210 HOH HOH A . 
C 3 HOH 11 211 211 HOH HOH A . 
C 3 HOH 12 212 212 HOH HOH A . 
C 3 HOH 13 213 213 HOH HOH A . 
C 3 HOH 14 214 214 HOH HOH A . 
C 3 HOH 15 215 215 HOH HOH A . 
# 
loop_
_software.citation_id 
_software.classification 
_software.compiler_name 
_software.compiler_version 
_software.contact_author 
_software.contact_author_email 
_software.date 
_software.description 
_software.dependencies 
_software.hardware 
_software.language 
_software.location 
_software.mods 
_software.name 
_software.os 
_software.os_version 
_software.type 
_software.version 
_software.pdbx_ordinal 
? refinement        ? ? ? ? ? ? ? ? ? ? ? PHENIX      ? ? ? V1.16-3549 1 
? 'data reduction'  ? ? ? ? ? ? ? ? ? ? ? XDS         ? ? ? 20180808   2 
? 'data scaling'    ? ? ? ? ? ? ? ? ? ? ? XSCALE      ? ? ? 20180808   3 
? 'data extraction' ? ? ? ? ? ? ? ? ? ? ? PDB_EXTRACT ? ? ? 3.25       4 
? phasing           ? ? ? ? ? ? ? ? ? ? ? SHELXD      ? ? ? .          5 
# 
_cell.entry_id           6UG2 
_cell.length_a           9.810 
_cell.length_b           17.050 
_cell.length_c           20.590 
_cell.angle_alpha        105.16 
_cell.angle_beta         92.17 
_cell.angle_gamma        105.93 
_cell.Z_PDB              2 
_cell.pdbx_unique_axis   ? 
# 
_symmetry.entry_id                         6UG2 
_symmetry.space_group_name_H-M             'P -1' 
_symmetry.pdbx_full_space_group_name_H-M   ? 
_symmetry.cell_setting                     ? 
_symmetry.Int_Tables_number                2 
# 
_exptl.absorpt_coefficient_mu     ? 
_exptl.absorpt_correction_T_max   ? 
_exptl.absorpt_correction_T_min   ? 
_exptl.absorpt_correction_type    ? 
_exptl.absorpt_process_details    ? 
_exptl.entry_id                   6UG2 
_exptl.crystals_number            1 
_exptl.details                    ? 
_exptl.method                     'X-RAY DIFFRACTION' 
_exptl.method_details             ? 
# 
_exptl_crystal.colour                      ? 
_exptl_crystal.density_diffrn              ? 
_exptl_crystal.density_Matthews            1.55 
_exptl_crystal.density_method              ? 
_exptl_crystal.density_percent_sol         20.86 
_exptl_crystal.description                 'needle, 200 microns long and less than 5 microns thick' 
_exptl_crystal.F_000                       ? 
_exptl_crystal.id                          1 
_exptl_crystal.preparation                 ? 
_exptl_crystal.size_max                    ? 
_exptl_crystal.size_mid                    ? 
_exptl_crystal.size_min                    ? 
_exptl_crystal.size_rad                    ? 
_exptl_crystal.colour_lustre               ? 
_exptl_crystal.colour_modifier             ? 
_exptl_crystal.colour_primary              ? 
_exptl_crystal.density_meas                ? 
_exptl_crystal.density_meas_esd            ? 
_exptl_crystal.density_meas_gt             ? 
_exptl_crystal.density_meas_lt             ? 
_exptl_crystal.density_meas_temp           ? 
_exptl_crystal.density_meas_temp_esd       ? 
_exptl_crystal.density_meas_temp_gt        ? 
_exptl_crystal.density_meas_temp_lt        ? 
_exptl_crystal.pdbx_crystal_image_url      ? 
_exptl_crystal.pdbx_crystal_image_format   ? 
_exptl_crystal.pdbx_mosaicity              ? 
_exptl_crystal.pdbx_mosaicity_esd          ? 
# 
_exptl_crystal_grow.apparatus       ? 
_exptl_crystal_grow.atmosphere      ? 
_exptl_crystal_grow.crystal_id      1 
_exptl_crystal_grow.details         ? 
_exptl_crystal_grow.method          'VAPOR DIFFUSION, HANGING DROP' 
_exptl_crystal_grow.method_ref      ? 
_exptl_crystal_grow.pH              7.5 
_exptl_crystal_grow.pressure        ? 
_exptl_crystal_grow.pressure_esd    ? 
_exptl_crystal_grow.seeding         ? 
_exptl_crystal_grow.seeding_ref     ? 
_exptl_crystal_grow.temp            298 
_exptl_crystal_grow.temp_details    ? 
_exptl_crystal_grow.temp_esd        ? 
_exptl_crystal_grow.time            ? 
_exptl_crystal_grow.pdbx_details    '0.2 M calcium chloride, 0.1 M HEPES, pH 7.5, 28% (w/v) PEG 400' 
_exptl_crystal_grow.pdbx_pH_range   ? 
# 
_diffrn.ambient_environment              ? 
_diffrn.ambient_temp                     100 
_diffrn.ambient_temp_details             ? 
_diffrn.ambient_temp_esd                 ? 
_diffrn.crystal_id                       1 
_diffrn.crystal_support                  ? 
_diffrn.crystal_treatment                ? 
_diffrn.details                          ? 
_diffrn.id                               1 
_diffrn.ambient_pressure                 ? 
_diffrn.ambient_pressure_esd             ? 
_diffrn.ambient_pressure_gt              ? 
_diffrn.ambient_pressure_lt              ? 
_diffrn.ambient_temp_gt                  ? 
_diffrn.ambient_temp_lt                  ? 
_diffrn.pdbx_serial_crystal_experiment   N 
# 
_diffrn_detector.details                      ? 
_diffrn_detector.detector                     PIXEL 
_diffrn_detector.diffrn_id                    1 
_diffrn_detector.type                         'DECTRIS EIGER X 16M' 
_diffrn_detector.area_resol_mean              ? 
_diffrn_detector.dtime                        ? 
_diffrn_detector.pdbx_frames_total            ? 
_diffrn_detector.pdbx_collection_time_total   ? 
_diffrn_detector.pdbx_collection_date         2019-02-14 
_diffrn_detector.pdbx_frequency               ? 
# 
_diffrn_radiation.collimation                      ? 
_diffrn_radiation.diffrn_id                        1 
_diffrn_radiation.filter_edge                      ? 
_diffrn_radiation.inhomogeneity                    ? 
_diffrn_radiation.monochromator                    'Si (111)' 
_diffrn_radiation.polarisn_norm                    ? 
_diffrn_radiation.polarisn_ratio                   ? 
_diffrn_radiation.probe                            ? 
_diffrn_radiation.type                             ? 
_diffrn_radiation.xray_symbol                      ? 
_diffrn_radiation.wavelength_id                    1 
_diffrn_radiation.pdbx_monochromatic_or_laue_m_l   M 
_diffrn_radiation.pdbx_wavelength_list             ? 
_diffrn_radiation.pdbx_wavelength                  ? 
_diffrn_radiation.pdbx_diffrn_protocol             'SINGLE WAVELENGTH' 
_diffrn_radiation.pdbx_analyzer                    ? 
_diffrn_radiation.pdbx_scattering_type             x-ray 
# 
_diffrn_radiation_wavelength.id           1 
_diffrn_radiation_wavelength.wavelength   0.97918 
_diffrn_radiation_wavelength.wt           1.0 
# 
_diffrn_source.current                     ? 
_diffrn_source.details                     ? 
_diffrn_source.diffrn_id                   1 
_diffrn_source.power                       ? 
_diffrn_source.size                        ? 
_diffrn_source.source                      SYNCHROTRON 
_diffrn_source.target                      ? 
_diffrn_source.type                        'APS BEAMLINE 24-ID-E' 
_diffrn_source.voltage                     ? 
_diffrn_source.take-off_angle              ? 
_diffrn_source.pdbx_wavelength_list        0.97918 
_diffrn_source.pdbx_wavelength             ? 
_diffrn_source.pdbx_synchrotron_beamline   24-ID-E 
_diffrn_source.pdbx_synchrotron_site       APS 
# 
_reflns.pdbx_diffrn_id               1 
_reflns.pdbx_ordinal                 1 
_reflns.entry_id                     6UG2 
_reflns.observed_criterion_sigma_I   ? 
_reflns.observed_criterion_sigma_F   ? 
_reflns.d_resolution_low             19.734 
_reflns.d_resolution_high            1.100 
_reflns.number_obs                   4357 
_reflns.number_all                   ? 
_reflns.percent_possible_obs         87.4 
_reflns.pdbx_Rmerge_I_obs            0.25000 
_reflns.pdbx_Rsym_value              ? 
_reflns.pdbx_netI_over_sigmaI        4.0800 
_reflns.B_iso_Wilson_estimate        11.43 
_reflns.pdbx_redundancy              4.753 
_reflns.pdbx_CC_half                 ? 
_reflns.pdbx_CC_star                 ? 
_reflns.pdbx_Rpim_I_all              ? 
_reflns.pdbx_Rrim_I_all              ? 
# 
_reflns_shell.pdbx_diffrn_id         1 
_reflns_shell.pdbx_ordinal           1 
_reflns_shell.d_res_high             1.10 
_reflns_shell.d_res_low              1.13 
_reflns_shell.percent_possible_all   66.9 
_reflns_shell.Rmerge_I_obs           0.89800 
_reflns_shell.pdbx_Rsym_value        ? 
_reflns_shell.meanI_over_sigI_obs    1.140 
_reflns_shell.pdbx_redundancy        4.06 
_reflns_shell.number_measured_obs    ? 
_reflns_shell.number_unique_all      ? 
_reflns_shell.number_unique_obs      240 
_reflns_shell.pdbx_CC_half           ? 
_reflns_shell.pdbx_CC_star           ? 
_reflns_shell.pdbx_Rpim_I_all        ? 
_reflns_shell.pdbx_Rrim_I_all        ? 
# 
_refine.pdbx_refine_id                           'X-RAY DIFFRACTION' 
_refine.entry_id                                 6UG2 
_refine.pdbx_diffrn_id                           1 
_refine.pdbx_TLS_residual_ADP_flag               ? 
_refine.ls_number_reflns_obs                     4353 
_refine.ls_number_reflns_all                     ? 
_refine.pdbx_ls_sigma_I                          ? 
_refine.pdbx_ls_sigma_F                          1.360 
_refine.pdbx_data_cutoff_high_absF               ? 
_refine.pdbx_data_cutoff_low_absF                ? 
_refine.pdbx_data_cutoff_high_rms_absF           ? 
_refine.ls_d_res_low                             19.73 
_refine.ls_d_res_high                            1.10 
_refine.ls_percent_reflns_obs                    87.5 
_refine.ls_R_factor_obs                          0.154 
_refine.ls_R_factor_all                          ? 
_refine.ls_R_factor_R_work                       0.151 
_refine.ls_R_factor_R_free                       0.182 
_refine.ls_R_factor_R_free_error                 ? 
_refine.ls_R_factor_R_free_error_details         ? 
_refine.ls_percent_reflns_R_free                 9.990 
_refine.ls_number_reflns_R_free                  435 
_refine.ls_number_parameters                     ? 
_refine.ls_number_restraints                     ? 
_refine.occupancy_min                            ? 
_refine.occupancy_max                            ? 
_refine.correlation_coeff_Fo_to_Fc               ? 
_refine.correlation_coeff_Fo_to_Fc_free          ? 
_refine.B_iso_mean                               11.18 
_refine.aniso_B[1][1]                            ? 
_refine.aniso_B[2][2]                            ? 
_refine.aniso_B[3][3]                            ? 
_refine.aniso_B[1][2]                            ? 
_refine.aniso_B[1][3]                            ? 
_refine.aniso_B[2][3]                            ? 
_refine.solvent_model_details                    ? 
_refine.solvent_model_param_ksol                 ? 
_refine.solvent_model_param_bsol                 ? 
_refine.pdbx_solvent_vdw_probe_radii             1.11 
_refine.pdbx_solvent_ion_probe_radii             ? 
_refine.pdbx_solvent_shrinkage_radii             0.90 
_refine.pdbx_ls_cross_valid_method               'FREE R-VALUE' 
_refine.details                                  ? 
_refine.pdbx_starting_model                      ? 
_refine.pdbx_method_to_determine_struct          'AB INITIO PHASING' 
_refine.pdbx_isotropic_thermal_model             ? 
_refine.pdbx_stereochemistry_target_values       ? 
_refine.pdbx_stereochem_target_val_spec_case     ? 
_refine.pdbx_R_Free_selection_details            ? 
_refine.pdbx_overall_ESU_R                       ? 
_refine.pdbx_overall_ESU_R_Free                  ? 
_refine.overall_SU_ML                            0.077 
_refine.pdbx_overall_phase_error                 17.010 
_refine.overall_SU_B                             ? 
_refine.overall_SU_R_Cruickshank_DPI             ? 
_refine.pdbx_overall_SU_R_free_Cruickshank_DPI   ? 
_refine.pdbx_overall_SU_R_Blow_DPI               ? 
_refine.pdbx_overall_SU_R_free_Blow_DPI          ? 
# 
_refine_hist.pdbx_refine_id                   'X-RAY DIFFRACTION' 
_refine_hist.cycle_id                         LAST 
_refine_hist.pdbx_number_atoms_protein        76 
_refine_hist.pdbx_number_atoms_nucleic_acid   0 
_refine_hist.pdbx_number_atoms_ligand         1 
_refine_hist.number_atoms_solvent             15 
_refine_hist.number_atoms_total               92 
_refine_hist.d_res_high                       1.10 
_refine_hist.d_res_low                        19.73 
# 
loop_
_refine_ls_restr.type 
_refine_ls_restr.dev_ideal 
_refine_ls_restr.dev_ideal_target 
_refine_ls_restr.weight 
_refine_ls_restr.number 
_refine_ls_restr.pdbx_refine_id 
_refine_ls_restr.pdbx_restraint_function 
f_bond_d           0.017  ? ? 101 'X-RAY DIFFRACTION' ? 
f_angle_d          3.495  ? ? 144 'X-RAY DIFFRACTION' ? 
f_dihedral_angle_d 28.557 ? ? 40  'X-RAY DIFFRACTION' ? 
f_chiral_restr     1.587  ? ? 18  'X-RAY DIFFRACTION' ? 
f_plane_restr      0.023  ? ? 16  'X-RAY DIFFRACTION' ? 
# 
loop_
_refine_ls_shell.pdbx_refine_id 
_refine_ls_shell.pdbx_total_number_of_bins_used 
_refine_ls_shell.d_res_high 
_refine_ls_shell.d_res_low 
_refine_ls_shell.number_reflns_R_work 
_refine_ls_shell.R_factor_R_work 
_refine_ls_shell.percent_reflns_obs 
_refine_ls_shell.R_factor_R_free 
_refine_ls_shell.R_factor_R_free_error 
_refine_ls_shell.percent_reflns_R_free 
_refine_ls_shell.number_reflns_R_free 
_refine_ls_shell.number_reflns_all 
_refine_ls_shell.R_factor_all 
_refine_ls_shell.R_factor_obs 
_refine_ls_shell.number_reflns_obs 
'X-RAY DIFFRACTION' . 1.1000 1.2600  1149 0.2650 77.00 0.3120 . . 127 . . . . 
'X-RAY DIFFRACTION' . 1.2600 1.5900  1355 0.1894 90.00 0.2237 . . 150 . . . . 
'X-RAY DIFFRACTION' . 1.5900 19.7300 1414 0.1167 95.00 0.1452 . . 158 . . . . 
# 
_struct.entry_id                     6UG2 
_struct.title                        'C2 symmetric peptide design number 1, Zappy, crystal form 2' 
_struct.pdbx_model_details           'S2 symmetric cyclic peptide' 
_struct.pdbx_formula_weight          ? 
_struct.pdbx_formula_weight_method   ? 
_struct.pdbx_model_type_details      ? 
_struct.pdbx_CASP_flag               N 
# 
_struct_keywords.entry_id        6UG2 
_struct_keywords.text            'cyclic peptide, 2-fold symmetric, L and D-amino acids, DE NOVO PROTEIN' 
_struct_keywords.pdbx_keywords   'DE NOVO PROTEIN' 
# 
loop_
_struct_asym.id 
_struct_asym.pdbx_blank_PDB_chainid_flag 
_struct_asym.pdbx_modified 
_struct_asym.entity_id 
_struct_asym.details 
A N N 1 ? 
B N N 2 ? 
C N N 3 ? 
# 
_struct_ref.id                         1 
_struct_ref.db_name                    PDB 
_struct_ref.db_code                    6UG2 
_struct_ref.pdbx_db_accession          6UG2 
_struct_ref.pdbx_db_isoform            ? 
_struct_ref.entity_id                  1 
_struct_ref.pdbx_seq_one_letter_code   ? 
_struct_ref.pdbx_align_begin           1 
# 
_struct_ref_seq.align_id                      1 
_struct_ref_seq.ref_id                        1 
_struct_ref_seq.pdbx_PDB_id_code              6UG2 
_struct_ref_seq.pdbx_strand_id                A 
_struct_ref_seq.seq_align_beg                 1 
_struct_ref_seq.pdbx_seq_align_beg_ins_code   ? 
_struct_ref_seq.seq_align_end                 10 
_struct_ref_seq.pdbx_seq_align_end_ins_code   ? 
_struct_ref_seq.pdbx_db_accession             6UG2 
_struct_ref_seq.db_align_beg                  1 
_struct_ref_seq.pdbx_db_align_beg_ins_code    ? 
_struct_ref_seq.db_align_end                  10 
_struct_ref_seq.pdbx_db_align_end_ins_code    ? 
_struct_ref_seq.pdbx_auth_seq_align_beg       1 
_struct_ref_seq.pdbx_auth_seq_align_end       10 
# 
_pdbx_struct_assembly.id                   1 
_pdbx_struct_assembly.details              author_and_software_defined_assembly 
_pdbx_struct_assembly.method_details       PISA 
_pdbx_struct_assembly.oligomeric_details   monomeric 
_pdbx_struct_assembly.oligomeric_count     1 
# 
_pdbx_struct_assembly_gen.assembly_id       1 
_pdbx_struct_assembly_gen.oper_expression   1 
_pdbx_struct_assembly_gen.asym_id_list      A,B,C 
# 
_pdbx_struct_assembly_auth_evidence.id                     1 
_pdbx_struct_assembly_auth_evidence.assembly_id            1 
_pdbx_struct_assembly_auth_evidence.experimental_support   none 
_pdbx_struct_assembly_auth_evidence.details                ? 
# 
_pdbx_struct_oper_list.id                   1 
_pdbx_struct_oper_list.type                 'identity operation' 
_pdbx_struct_oper_list.name                 1_555 
_pdbx_struct_oper_list.symmetry_operation   x,y,z 
_pdbx_struct_oper_list.matrix[1][1]         1.0000000000 
_pdbx_struct_oper_list.matrix[1][2]         0.0000000000 
_pdbx_struct_oper_list.matrix[1][3]         0.0000000000 
_pdbx_struct_oper_list.vector[1]            0.0000000000 
_pdbx_struct_oper_list.matrix[2][1]         0.0000000000 
_pdbx_struct_oper_list.matrix[2][2]         1.0000000000 
_pdbx_struct_oper_list.matrix[2][3]         0.0000000000 
_pdbx_struct_oper_list.vector[2]            0.0000000000 
_pdbx_struct_oper_list.matrix[3][1]         0.0000000000 
_pdbx_struct_oper_list.matrix[3][2]         0.0000000000 
_pdbx_struct_oper_list.matrix[3][3]         1.0000000000 
_pdbx_struct_oper_list.vector[3]            0.0000000000 
# 
loop_
_struct_conn.id 
_struct_conn.conn_type_id 
_struct_conn.pdbx_leaving_atom_flag 
_struct_conn.pdbx_PDB_id 
_struct_conn.ptnr1_label_asym_id 
_struct_conn.ptnr1_label_comp_id 
_struct_conn.ptnr1_label_seq_id 
_struct_conn.ptnr1_label_atom_id 
_struct_conn.pdbx_ptnr1_label_alt_id 
_struct_conn.pdbx_ptnr1_PDB_ins_code 
_struct_conn.pdbx_ptnr1_standard_comp_id 
_struct_conn.ptnr1_symmetry 
_struct_conn.ptnr2_label_asym_id 
_struct_conn.ptnr2_label_comp_id 
_struct_conn.ptnr2_label_seq_id 
_struct_conn.ptnr2_label_atom_id 
_struct_conn.pdbx_ptnr2_label_alt_id 
_struct_conn.pdbx_ptnr2_PDB_ins_code 
_struct_conn.ptnr1_auth_asym_id 
_struct_conn.ptnr1_auth_comp_id 
_struct_conn.ptnr1_auth_seq_id 
_struct_conn.ptnr2_auth_asym_id 
_struct_conn.ptnr2_auth_comp_id 
_struct_conn.ptnr2_auth_seq_id 
_struct_conn.ptnr2_symmetry 
_struct_conn.pdbx_ptnr3_label_atom_id 
_struct_conn.pdbx_ptnr3_label_seq_id 
_struct_conn.pdbx_ptnr3_label_comp_id 
_struct_conn.pdbx_ptnr3_label_asym_id 
_struct_conn.pdbx_ptnr3_label_alt_id 
_struct_conn.pdbx_ptnr3_PDB_ins_code 
_struct_conn.details 
_struct_conn.pdbx_dist_value 
_struct_conn.pdbx_value_order 
_struct_conn.pdbx_role 
covale1  covale both ? A DSN 1 C   A ? ? 1_555 A DGL 2  N  ? ? A DSN 1   A DGL 2   1_555 ? ? ? ? ? ? ? 1.311 ?    ? 
covale2  covale both ? A SER 1 C   B ? ? 1_555 A DGL 2  N  ? ? A SER 1   A DGL 2   1_555 ? ? ? ? ? ? ? 1.364 ?    ? 
covale3  covale both ? A SER 1 C   C ? ? 1_555 A DGL 2  N  ? ? A SER 1   A DGL 2   1_555 ? ? ? ? ? ? ? 1.380 ?    ? 
covale4  covale both ? A DSN 1 N   A ? ? 1_555 A LEU 10 C  ? ? A DSN 1   A LEU 10  1_555 ? ? ? ? ? ? ? 1.296 ?    ? 
covale5  covale both ? A SER 1 N   B ? ? 1_555 A LEU 10 C  ? ? A SER 1   A LEU 10  1_555 ? ? ? ? ? ? ? 1.318 sing ? 
covale6  covale both ? A SER 1 N   C ? ? 1_555 A LEU 10 C  ? ? A SER 1   A LEU 10  1_555 ? ? ? ? ? ? ? 1.348 sing ? 
covale7  covale both ? A DGL 2 C   ? ? ? 1_555 A AIB 3  N  ? ? A DGL 2   A AIB 3   1_555 ? ? ? ? ? ? ? 1.363 ?    ? 
covale8  covale both ? A AIB 3 C   ? ? ? 1_555 A SER 4  N  ? ? A AIB 3   A SER 4   1_555 ? ? ? ? ? ? ? 1.329 ?    ? 
covale9  covale both ? A LEU 5 C   ? ? ? 1_555 A DSN 6  N  ? ? A LEU 5   A DSN 6   1_555 ? ? ? ? ? ? ? 1.259 ?    ? 
covale10 covale both ? A DSN 6 C   ? ? ? 1_555 A DGL 7  N  ? ? A DSN 6   A DGL 7   1_555 ? ? ? ? ? ? ? 1.303 ?    ? 
covale11 covale both ? A DGL 7 C   ? ? ? 1_555 A AIB 8  N  ? ? A DGL 7   A AIB 8   1_555 ? ? ? ? ? ? ? 1.321 ?    ? 
covale12 covale both ? A AIB 8 C   ? ? ? 1_555 A SER 9  N  ? ? A AIB 8   A SER 9   1_555 ? ? ? ? ? ? ? 1.328 ?    ? 
metalc1  metalc ?    ? A DGL 2 OE1 ? ? ? 1_555 B CA  .  CA ? ? A DGL 2   A CA  101 1_555 ? ? ? ? ? ? ? 2.633 ?    ? 
metalc2  metalc ?    ? A DGL 2 OE2 ? ? ? 1_555 B CA  .  CA ? ? A DGL 2   A CA  101 1_555 ? ? ? ? ? ? ? 2.485 ?    ? 
metalc3  metalc ?    ? A DGL 2 O   ? ? ? 1_555 B CA  .  CA ? ? A DGL 2   A CA  101 1_455 ? ? ? ? ? ? ? 2.438 ?    ? 
metalc4  metalc ?    ? A DGL 2 OE1 ? ? ? 1_555 B CA  .  CA ? ? A DGL 2   A CA  101 2_676 ? ? ? ? ? ? ? 2.340 ?    ? 
metalc5  metalc ?    ? A DGL 7 OE1 ? ? ? 1_555 B CA  .  CA ? ? A DGL 7   A CA  101 2_566 ? ? ? ? ? ? ? 2.450 ?    ? 
metalc6  metalc ?    ? A DGL 7 OE2 ? ? ? 1_555 B CA  .  CA ? ? A DGL 7   A CA  101 2_566 ? ? ? ? ? ? ? 2.507 ?    ? 
metalc7  metalc ?    ? B CA  . CA  ? ? ? 1_555 C HOH .  O  ? ? A CA  101 A HOH 204 1_555 ? ? ? ? ? ? ? 2.393 ?    ? 
metalc8  metalc ?    ? B CA  . CA  ? ? ? 1_555 C HOH .  O  ? ? A CA  101 A HOH 207 1_555 ? ? ? ? ? ? ? 2.421 ?    ? 
# 
loop_
_struct_conn_type.id 
_struct_conn_type.criteria 
_struct_conn_type.reference 
covale ? ? 
metalc ? ? 
# 
loop_
_pdbx_struct_conn_angle.id 
_pdbx_struct_conn_angle.ptnr1_label_atom_id 
_pdbx_struct_conn_angle.ptnr1_label_alt_id 
_pdbx_struct_conn_angle.ptnr1_label_asym_id 
_pdbx_struct_conn_angle.ptnr1_label_comp_id 
_pdbx_struct_conn_angle.ptnr1_label_seq_id 
_pdbx_struct_conn_angle.ptnr1_auth_atom_id 
_pdbx_struct_conn_angle.ptnr1_auth_asym_id 
_pdbx_struct_conn_angle.ptnr1_auth_comp_id 
_pdbx_struct_conn_angle.ptnr1_auth_seq_id 
_pdbx_struct_conn_angle.ptnr1_PDB_ins_code 
_pdbx_struct_conn_angle.ptnr1_symmetry 
_pdbx_struct_conn_angle.ptnr2_label_atom_id 
_pdbx_struct_conn_angle.ptnr2_label_alt_id 
_pdbx_struct_conn_angle.ptnr2_label_asym_id 
_pdbx_struct_conn_angle.ptnr2_label_comp_id 
_pdbx_struct_conn_angle.ptnr2_label_seq_id 
_pdbx_struct_conn_angle.ptnr2_auth_atom_id 
_pdbx_struct_conn_angle.ptnr2_auth_asym_id 
_pdbx_struct_conn_angle.ptnr2_auth_comp_id 
_pdbx_struct_conn_angle.ptnr2_auth_seq_id 
_pdbx_struct_conn_angle.ptnr2_PDB_ins_code 
_pdbx_struct_conn_angle.ptnr2_symmetry 
_pdbx_struct_conn_angle.ptnr3_label_atom_id 
_pdbx_struct_conn_angle.ptnr3_label_alt_id 
_pdbx_struct_conn_angle.ptnr3_label_asym_id 
_pdbx_struct_conn_angle.ptnr3_label_comp_id 
_pdbx_struct_conn_angle.ptnr3_label_seq_id 
_pdbx_struct_conn_angle.ptnr3_auth_atom_id 
_pdbx_struct_conn_angle.ptnr3_auth_asym_id 
_pdbx_struct_conn_angle.ptnr3_auth_comp_id 
_pdbx_struct_conn_angle.ptnr3_auth_seq_id 
_pdbx_struct_conn_angle.ptnr3_PDB_ins_code 
_pdbx_struct_conn_angle.ptnr3_symmetry 
_pdbx_struct_conn_angle.value 
_pdbx_struct_conn_angle.value_esd 
1  OE1 ? A DGL 2 ? A DGL 2   ? 1_555 CA ? B CA . ? A CA 101 ? 1_555 OE2 ? A DGL 2 ? A DGL 2   ? 1_555 51.2  ? 
2  OE1 ? A DGL 2 ? A DGL 2   ? 1_555 CA ? B CA . ? A CA 101 ? 1_555 O   ? A DGL 2 ? A DGL 2   ? 1_555 43.2  ? 
3  OE2 ? A DGL 2 ? A DGL 2   ? 1_555 CA ? B CA . ? A CA 101 ? 1_555 O   ? A DGL 2 ? A DGL 2   ? 1_555 16.6  ? 
4  OE1 ? A DGL 2 ? A DGL 2   ? 1_555 CA ? B CA . ? A CA 101 ? 1_555 OE1 ? A DGL 2 ? A DGL 2   ? 1_555 0.0   ? 
5  OE2 ? A DGL 2 ? A DGL 2   ? 1_555 CA ? B CA . ? A CA 101 ? 1_555 OE1 ? A DGL 2 ? A DGL 2   ? 1_555 51.2  ? 
6  O   ? A DGL 2 ? A DGL 2   ? 1_555 CA ? B CA . ? A CA 101 ? 1_555 OE1 ? A DGL 2 ? A DGL 2   ? 1_555 43.2  ? 
7  OE1 ? A DGL 2 ? A DGL 2   ? 1_555 CA ? B CA . ? A CA 101 ? 1_555 OE1 ? A DGL 7 ? A DGL 7   ? 1_555 91.5  ? 
8  OE2 ? A DGL 2 ? A DGL 2   ? 1_555 CA ? B CA . ? A CA 101 ? 1_555 OE1 ? A DGL 7 ? A DGL 7   ? 1_555 41.3  ? 
9  O   ? A DGL 2 ? A DGL 2   ? 1_555 CA ? B CA . ? A CA 101 ? 1_555 OE1 ? A DGL 7 ? A DGL 7   ? 1_555 54.9  ? 
10 OE1 ? A DGL 2 ? A DGL 2   ? 1_555 CA ? B CA . ? A CA 101 ? 1_555 OE1 ? A DGL 7 ? A DGL 7   ? 1_555 91.5  ? 
11 OE1 ? A DGL 2 ? A DGL 2   ? 1_555 CA ? B CA . ? A CA 101 ? 1_555 OE2 ? A DGL 7 ? A DGL 7   ? 1_555 100.1 ? 
12 OE2 ? A DGL 2 ? A DGL 2   ? 1_555 CA ? B CA . ? A CA 101 ? 1_555 OE2 ? A DGL 7 ? A DGL 7   ? 1_555 49.6  ? 
13 O   ? A DGL 2 ? A DGL 2   ? 1_555 CA ? B CA . ? A CA 101 ? 1_555 OE2 ? A DGL 7 ? A DGL 7   ? 1_555 62.3  ? 
14 OE1 ? A DGL 2 ? A DGL 2   ? 1_555 CA ? B CA . ? A CA 101 ? 1_555 OE2 ? A DGL 7 ? A DGL 7   ? 1_555 100.1 ? 
15 OE1 ? A DGL 7 ? A DGL 7   ? 1_555 CA ? B CA . ? A CA 101 ? 1_555 OE2 ? A DGL 7 ? A DGL 7   ? 1_555 8.8   ? 
16 OE1 ? A DGL 2 ? A DGL 2   ? 1_555 CA ? B CA . ? A CA 101 ? 1_555 O   ? C HOH . ? A HOH 204 ? 1_555 123.6 ? 
17 OE2 ? A DGL 2 ? A DGL 2   ? 1_555 CA ? B CA . ? A CA 101 ? 1_555 O   ? C HOH . ? A HOH 204 ? 1_555 72.4  ? 
18 O   ? A DGL 2 ? A DGL 2   ? 1_555 CA ? B CA . ? A CA 101 ? 1_555 O   ? C HOH . ? A HOH 204 ? 1_555 82.9  ? 
19 OE1 ? A DGL 2 ? A DGL 2   ? 1_555 CA ? B CA . ? A CA 101 ? 1_555 O   ? C HOH . ? A HOH 204 ? 1_555 123.6 ? 
20 OE1 ? A DGL 7 ? A DGL 7   ? 1_555 CA ? B CA . ? A CA 101 ? 1_555 O   ? C HOH . ? A HOH 204 ? 1_555 32.8  ? 
21 OE2 ? A DGL 7 ? A DGL 7   ? 1_555 CA ? B CA . ? A CA 101 ? 1_555 O   ? C HOH . ? A HOH 204 ? 1_555 24.0  ? 
22 OE1 ? A DGL 2 ? A DGL 2   ? 1_555 CA ? B CA . ? A CA 101 ? 1_555 O   ? C HOH . ? A HOH 207 ? 1_555 72.1  ? 
23 OE2 ? A DGL 2 ? A DGL 2   ? 1_555 CA ? B CA . ? A CA 101 ? 1_555 O   ? C HOH . ? A HOH 207 ? 1_555 79.8  ? 
24 O   ? A DGL 2 ? A DGL 2   ? 1_555 CA ? B CA . ? A CA 101 ? 1_555 O   ? C HOH . ? A HOH 207 ? 1_555 64.4  ? 
25 OE1 ? A DGL 2 ? A DGL 2   ? 1_555 CA ? B CA . ? A CA 101 ? 1_555 O   ? C HOH . ? A HOH 207 ? 1_555 72.1  ? 
26 OE1 ? A DGL 7 ? A DGL 7   ? 1_555 CA ? B CA . ? A CA 101 ? 1_555 O   ? C HOH . ? A HOH 207 ? 1_555 101.0 ? 
27 OE2 ? A DGL 7 ? A DGL 7   ? 1_555 CA ? B CA . ? A CA 101 ? 1_555 O   ? C HOH . ? A HOH 207 ? 1_555 102.1 ? 
28 O   ? C HOH . ? A HOH 204 ? 1_555 CA ? B CA . ? A CA 101 ? 1_555 O   ? C HOH . ? A HOH 207 ? 1_555 103.0 ? 
# 
loop_
_pdbx_modification_feature.ordinal 
_pdbx_modification_feature.label_comp_id 
_pdbx_modification_feature.label_asym_id 
_pdbx_modification_feature.label_seq_id 
_pdbx_modification_feature.label_alt_id 
_pdbx_modification_feature.modified_residue_label_comp_id 
_pdbx_modification_feature.modified_residue_label_asym_id 
_pdbx_modification_feature.modified_residue_label_seq_id 
_pdbx_modification_feature.modified_residue_label_alt_id 
_pdbx_modification_feature.auth_comp_id 
_pdbx_modification_feature.auth_asym_id 
_pdbx_modification_feature.auth_seq_id 
_pdbx_modification_feature.PDB_ins_code 
_pdbx_modification_feature.symmetry 
_pdbx_modification_feature.modified_residue_auth_comp_id 
_pdbx_modification_feature.modified_residue_auth_asym_id 
_pdbx_modification_feature.modified_residue_auth_seq_id 
_pdbx_modification_feature.modified_residue_PDB_ins_code 
_pdbx_modification_feature.modified_residue_symmetry 
_pdbx_modification_feature.comp_id_linking_atom 
_pdbx_modification_feature.modified_residue_id_linking_atom 
_pdbx_modification_feature.modified_residue_id 
_pdbx_modification_feature.ref_pcm_id 
_pdbx_modification_feature.ref_comp_id 
_pdbx_modification_feature.type 
_pdbx_modification_feature.category 
1 AIB A 3 ? .   . .  . AIB A 3 ? 1_555 .   . .  . .     . . ALA 1 AIB Methylation 'Named protein modification' 
2 AIB A 8 ? .   . .  . AIB A 8 ? 1_555 .   . .  . .     . . ALA 1 AIB Methylation 'Named protein modification' 
3 DSN A 1 A LEU A 10 ? DSN A 1 ? 1_555 LEU A 10 ? 1_555 N C .   . .   None        'Non-standard linkage'       
4 SER A 1 B LEU A 10 ? SER A 1 ? 1_555 LEU A 10 ? 1_555 N C .   . .   None        'Non-standard linkage'       
5 SER A 1 C LEU A 10 ? SER A 1 ? 1_555 LEU A 10 ? 1_555 N C .   . .   None        'Non-standard linkage'       
# 
_struct_site.id                   AC1 
_struct_site.pdbx_evidence_code   Software 
_struct_site.pdbx_auth_asym_id    A 
_struct_site.pdbx_auth_comp_id    CA 
_struct_site.pdbx_auth_seq_id     101 
_struct_site.pdbx_auth_ins_code   ? 
_struct_site.pdbx_num_residues    4 
_struct_site.details              'binding site for residue CA A 101' 
# 
loop_
_struct_site_gen.id 
_struct_site_gen.site_id 
_struct_site_gen.pdbx_num_res 
_struct_site_gen.label_comp_id 
_struct_site_gen.label_asym_id 
_struct_site_gen.label_seq_id 
_struct_site_gen.pdbx_auth_ins_code 
_struct_site_gen.auth_comp_id 
_struct_site_gen.auth_asym_id 
_struct_site_gen.auth_seq_id 
_struct_site_gen.label_atom_id 
_struct_site_gen.label_alt_id 
_struct_site_gen.symmetry 
_struct_site_gen.details 
1 AC1 4 DGL A 2 ? DGL A 2   . ? 1_555 ? 
2 AC1 4 DGL A 2 ? DGL A 2   . ? 1_655 ? 
3 AC1 4 HOH C . ? HOH A 204 . ? 1_555 ? 
4 AC1 4 HOH C . ? HOH A 207 . ? 1_555 ? 
# 
_pdbx_entry_details.entry_id                   6UG2 
_pdbx_entry_details.has_ligand_of_interest     N 
_pdbx_entry_details.compound_details           
;Residue 1 is partially racemized. Both DSN and SER are present at this position. The racemization was an undesired side product of the peptide synthesis.
;
_pdbx_entry_details.source_details             ? 
_pdbx_entry_details.nonpolymer_details         ? 
_pdbx_entry_details.sequence_details           ? 
_pdbx_entry_details.has_protein_modification   Y 
# 
loop_
_pdbx_validate_rmsd_angle.id 
_pdbx_validate_rmsd_angle.PDB_model_num 
_pdbx_validate_rmsd_angle.auth_atom_id_1 
_pdbx_validate_rmsd_angle.auth_asym_id_1 
_pdbx_validate_rmsd_angle.auth_comp_id_1 
_pdbx_validate_rmsd_angle.auth_seq_id_1 
_pdbx_validate_rmsd_angle.PDB_ins_code_1 
_pdbx_validate_rmsd_angle.label_alt_id_1 
_pdbx_validate_rmsd_angle.auth_atom_id_2 
_pdbx_validate_rmsd_angle.auth_asym_id_2 
_pdbx_validate_rmsd_angle.auth_comp_id_2 
_pdbx_validate_rmsd_angle.auth_seq_id_2 
_pdbx_validate_rmsd_angle.PDB_ins_code_2 
_pdbx_validate_rmsd_angle.label_alt_id_2 
_pdbx_validate_rmsd_angle.auth_atom_id_3 
_pdbx_validate_rmsd_angle.auth_asym_id_3 
_pdbx_validate_rmsd_angle.auth_comp_id_3 
_pdbx_validate_rmsd_angle.auth_seq_id_3 
_pdbx_validate_rmsd_angle.PDB_ins_code_3 
_pdbx_validate_rmsd_angle.label_alt_id_3 
_pdbx_validate_rmsd_angle.angle_value 
_pdbx_validate_rmsd_angle.angle_target_value 
_pdbx_validate_rmsd_angle.angle_deviation 
_pdbx_validate_rmsd_angle.angle_standard_deviation 
_pdbx_validate_rmsd_angle.linker_flag 
1 1 O A DSN 1 ? A C A DSN 1 ? A N A DGL 2 ? ? 110.49 122.70 -12.21 1.60 Y 
2 1 O A SER 1 ? B C A SER 1 ? B N A DGL 2 ? ? 133.45 122.70 10.75  1.60 Y 
# 
_pdbx_validate_peptide_omega.id               1 
_pdbx_validate_peptide_omega.PDB_model_num    1 
_pdbx_validate_peptide_omega.auth_comp_id_1   DSN 
_pdbx_validate_peptide_omega.auth_asym_id_1   A 
_pdbx_validate_peptide_omega.auth_seq_id_1    1 
_pdbx_validate_peptide_omega.PDB_ins_code_1   ? 
_pdbx_validate_peptide_omega.label_alt_id_1   A 
_pdbx_validate_peptide_omega.auth_comp_id_2   DGL 
_pdbx_validate_peptide_omega.auth_asym_id_2   A 
_pdbx_validate_peptide_omega.auth_seq_id_2    2 
_pdbx_validate_peptide_omega.PDB_ins_code_2   ? 
_pdbx_validate_peptide_omega.label_alt_id_2   ? 
_pdbx_validate_peptide_omega.omega            -149.93 
# 
_pdbx_validate_main_chain_plane.id                       1 
_pdbx_validate_main_chain_plane.PDB_model_num            1 
_pdbx_validate_main_chain_plane.auth_comp_id             SER 
_pdbx_validate_main_chain_plane.auth_asym_id             A 
_pdbx_validate_main_chain_plane.auth_seq_id              1 
_pdbx_validate_main_chain_plane.PDB_ins_code             ? 
_pdbx_validate_main_chain_plane.label_alt_id             C 
_pdbx_validate_main_chain_plane.improper_torsion_angle   12.13 
# 
loop_
_space_group_symop.id 
_space_group_symop.operation_xyz 
1 x,y,z    
2 -x,-y,-z 
# 
loop_
_chem_comp_atom.comp_id 
_chem_comp_atom.atom_id 
_chem_comp_atom.type_symbol 
_chem_comp_atom.pdbx_aromatic_flag 
_chem_comp_atom.pdbx_stereo_config 
_chem_comp_atom.pdbx_ordinal 
AIB N    N  N N 1  
AIB CA   C  N N 2  
AIB C    C  N N 3  
AIB O    O  N N 4  
AIB OXT  O  N N 5  
AIB CB1  C  N N 6  
AIB CB2  C  N N 7  
AIB H    H  N N 8  
AIB H2   H  N N 9  
AIB HXT  H  N N 10 
AIB HB11 H  N N 11 
AIB HB12 H  N N 12 
AIB HB13 H  N N 13 
AIB HB21 H  N N 14 
AIB HB22 H  N N 15 
AIB HB23 H  N N 16 
CA  CA   CA N N 17 
DGL N    N  N N 18 
DGL CA   C  N R 19 
DGL C    C  N N 20 
DGL O    O  N N 21 
DGL CB   C  N N 22 
DGL CG   C  N N 23 
DGL CD   C  N N 24 
DGL OE1  O  N N 25 
DGL OE2  O  N N 26 
DGL OXT  O  N N 27 
DGL H    H  N N 28 
DGL H2   H  N N 29 
DGL HA   H  N N 30 
DGL HB2  H  N N 31 
DGL HB3  H  N N 32 
DGL HG2  H  N N 33 
DGL HG3  H  N N 34 
DGL HE2  H  N N 35 
DGL HXT  H  N N 36 
DSN N    N  N N 37 
DSN CA   C  N R 38 
DSN C    C  N N 39 
DSN O    O  N N 40 
DSN OXT  O  N N 41 
DSN CB   C  N N 42 
DSN OG   O  N N 43 
DSN H    H  N N 44 
DSN H2   H  N N 45 
DSN HA   H  N N 46 
DSN HXT  H  N N 47 
DSN HB2  H  N N 48 
DSN HB3  H  N N 49 
DSN HG   H  N N 50 
HOH O    O  N N 51 
HOH H1   H  N N 52 
HOH H2   H  N N 53 
LEU N    N  N N 54 
LEU CA   C  N S 55 
LEU C    C  N N 56 
LEU O    O  N N 57 
LEU CB   C  N N 58 
LEU CG   C  N N 59 
LEU CD1  C  N N 60 
LEU CD2  C  N N 61 
LEU OXT  O  N N 62 
LEU H    H  N N 63 
LEU H2   H  N N 64 
LEU HA   H  N N 65 
LEU HB2  H  N N 66 
LEU HB3  H  N N 67 
LEU HG   H  N N 68 
LEU HD11 H  N N 69 
LEU HD12 H  N N 70 
LEU HD13 H  N N 71 
LEU HD21 H  N N 72 
LEU HD22 H  N N 73 
LEU HD23 H  N N 74 
LEU HXT  H  N N 75 
SER N    N  N N 76 
SER CA   C  N S 77 
SER C    C  N N 78 
SER O    O  N N 79 
SER CB   C  N N 80 
SER OG   O  N N 81 
SER OXT  O  N N 82 
SER H    H  N N 83 
SER H2   H  N N 84 
SER HA   H  N N 85 
SER HB2  H  N N 86 
SER HB3  H  N N 87 
SER HG   H  N N 88 
SER HXT  H  N N 89 
# 
loop_
_chem_comp_bond.comp_id 
_chem_comp_bond.atom_id_1 
_chem_comp_bond.atom_id_2 
_chem_comp_bond.value_order 
_chem_comp_bond.pdbx_aromatic_flag 
_chem_comp_bond.pdbx_stereo_config 
_chem_comp_bond.pdbx_ordinal 
AIB N   CA   sing N N 1  
AIB N   H    sing N N 2  
AIB N   H2   sing N N 3  
AIB CA  C    sing N N 4  
AIB CA  CB1  sing N N 5  
AIB CA  CB2  sing N N 6  
AIB C   O    doub N N 7  
AIB C   OXT  sing N N 8  
AIB OXT HXT  sing N N 9  
AIB CB1 HB11 sing N N 10 
AIB CB1 HB12 sing N N 11 
AIB CB1 HB13 sing N N 12 
AIB CB2 HB21 sing N N 13 
AIB CB2 HB22 sing N N 14 
AIB CB2 HB23 sing N N 15 
DGL N   CA   sing N N 16 
DGL N   H    sing N N 17 
DGL N   H2   sing N N 18 
DGL CA  C    sing N N 19 
DGL CA  CB   sing N N 20 
DGL CA  HA   sing N N 21 
DGL C   O    doub N N 22 
DGL C   OXT  sing N N 23 
DGL CB  CG   sing N N 24 
DGL CB  HB2  sing N N 25 
DGL CB  HB3  sing N N 26 
DGL CG  CD   sing N N 27 
DGL CG  HG2  sing N N 28 
DGL CG  HG3  sing N N 29 
DGL CD  OE1  doub N N 30 
DGL CD  OE2  sing N N 31 
DGL OE2 HE2  sing N N 32 
DGL OXT HXT  sing N N 33 
DSN N   CA   sing N N 34 
DSN N   H    sing N N 35 
DSN N   H2   sing N N 36 
DSN CA  C    sing N N 37 
DSN CA  CB   sing N N 38 
DSN CA  HA   sing N N 39 
DSN C   O    doub N N 40 
DSN C   OXT  sing N N 41 
DSN OXT HXT  sing N N 42 
DSN CB  OG   sing N N 43 
DSN CB  HB2  sing N N 44 
DSN CB  HB3  sing N N 45 
DSN OG  HG   sing N N 46 
HOH O   H1   sing N N 47 
HOH O   H2   sing N N 48 
LEU N   CA   sing N N 49 
LEU N   H    sing N N 50 
LEU N   H2   sing N N 51 
LEU CA  C    sing N N 52 
LEU CA  CB   sing N N 53 
LEU CA  HA   sing N N 54 
LEU C   O    doub N N 55 
LEU C   OXT  sing N N 56 
LEU CB  CG   sing N N 57 
LEU CB  HB2  sing N N 58 
LEU CB  HB3  sing N N 59 
LEU CG  CD1  sing N N 60 
LEU CG  CD2  sing N N 61 
LEU CG  HG   sing N N 62 
LEU CD1 HD11 sing N N 63 
LEU CD1 HD12 sing N N 64 
LEU CD1 HD13 sing N N 65 
LEU CD2 HD21 sing N N 66 
LEU CD2 HD22 sing N N 67 
LEU CD2 HD23 sing N N 68 
LEU OXT HXT  sing N N 69 
SER N   CA   sing N N 70 
SER N   H    sing N N 71 
SER N   H2   sing N N 72 
SER CA  C    sing N N 73 
SER CA  CB   sing N N 74 
SER CA  HA   sing N N 75 
SER C   O    doub N N 76 
SER C   OXT  sing N N 77 
SER CB  OG   sing N N 78 
SER CB  HB2  sing N N 79 
SER CB  HB3  sing N N 80 
SER OG  HG   sing N N 81 
SER OXT HXT  sing N N 82 
# 
loop_
_pdbx_audit_support.funding_organization 
_pdbx_audit_support.country 
_pdbx_audit_support.grant_number 
_pdbx_audit_support.ordinal 
'Department of Energy (DOE, United States)' 'United States' DE-FC02-02ER63421 1 
'Department of Energy (DOE, United States)' 'United States' DE-AC02-06CH11357 2 
# 
_space_group.name_H-M_alt     'P -1' 
_space_group.name_Hall        '-P 1' 
_space_group.IT_number        2 
_space_group.crystal_system   triclinic 
_space_group.id               1 
# 
_atom_sites.entry_id                    6UG2 
_atom_sites.fract_transf_matrix[1][1]   -0.05340023 
_atom_sites.fract_transf_matrix[1][2]   -0.02708048 
_atom_sites.fract_transf_matrix[1][3]   -0.08838697 
_atom_sites.fract_transf_matrix[2][1]   0.04246913 
_atom_sites.fract_transf_matrix[2][2]   -0.00363331 
_atom_sites.fract_transf_matrix[2][3]   -0.04719615 
_atom_sites.fract_transf_matrix[3][1]   0.01539870 
_atom_sites.fract_transf_matrix[3][2]   -0.04824674 
_atom_sites.fract_transf_matrix[3][3]   -0.00175726 
_atom_sites.fract_transf_vector[1]      -0.121930 
_atom_sites.fract_transf_vector[2]      0.707730 
_atom_sites.fract_transf_vector[3]      0.792703 
# 
loop_
_atom_type.symbol 
_atom_type.scat_dispersion_real 
_atom_type.scat_dispersion_imag 
_atom_type.scat_Cromer_Mann_a1 
_atom_type.scat_Cromer_Mann_a2 
_atom_type.scat_Cromer_Mann_a3 
_atom_type.scat_Cromer_Mann_a4 
_atom_type.scat_Cromer_Mann_b1 
_atom_type.scat_Cromer_Mann_b2 
_atom_type.scat_Cromer_Mann_b3 
_atom_type.scat_Cromer_Mann_b4 
_atom_type.scat_Cromer_Mann_c 
_atom_type.scat_source 
_atom_type.scat_dispersion_source 
C  ? ? 3.54356 2.42580 ?       ? 25.62398 1.50364 ?        ? 0.0 
;2-Gaussian fit: Grosse-Kunstleve RW, Sauter NK, Adams PD: Newsletter of the IUCr Commission on Crystallographic Computing 2004, 3, 22-31.
;
? 
CA ? ? 8.75937 8.41257 2.76798 ? 9.64476  0.47514 97.39057 ? 0.0 
;3-Gaussian fit: Grosse-Kunstleve RW, Sauter NK, Adams PD: Newsletter of the IUCr Commission on Crystallographic Computing 2004, 3, 22-31.
;
? 
H  ? ? 0.51345 0.48472 ?       ? 24.73122 6.32584 ?        ? 0.0 
;2-Gaussian fit: Grosse-Kunstleve RW, Sauter NK, Adams PD: Newsletter of the IUCr Commission on Crystallographic Computing 2004, 3, 22-31.
;
? 
N  ? ? 4.01032 2.96436 ?       ? 19.97189 1.75589 ?        ? 0.0 
;2-Gaussian fit: Grosse-Kunstleve RW, Sauter NK, Adams PD: Newsletter of the IUCr Commission on Crystallographic Computing 2004, 3, 22-31.
;
? 
O  ? ? 4.49882 3.47563 ?       ? 15.80542 1.70748 ?        ? 0.0 
;2-Gaussian fit: Grosse-Kunstleve RW, Sauter NK, Adams PD: Newsletter of the IUCr Commission on Crystallographic Computing 2004, 3, 22-31.
;
? 
# 
loop_
_atom_site.group_PDB 
_atom_site.id 
_atom_site.type_symbol 
_atom_site.label_atom_id 
_atom_site.label_alt_id 
_atom_site.label_comp_id 
_atom_site.label_asym_id 
_atom_site.label_entity_id 
_atom_site.label_seq_id 
_atom_site.pdbx_PDB_ins_code 
_atom_site.Cartn_x 
_atom_site.Cartn_y 
_atom_site.Cartn_z 
_atom_site.occupancy 
_atom_site.B_iso_or_equiv 
_atom_site.pdbx_formal_charge 
_atom_site.auth_seq_id 
_atom_site.auth_comp_id 
_atom_site.auth_asym_id 
_atom_site.auth_atom_id 
_atom_site.pdbx_PDB_model_num 
HETATM 1   N  N    A DSN A 1 1  ? -0.258 0.258  -2.511 0.40 6.79  ? 1   DSN A N    1 
HETATM 2   C  CA   A DSN A 1 1  ? -0.514 1.384  -3.394 0.40 7.85  ? 1   DSN A CA   1 
HETATM 3   C  C    A DSN A 1 1  ? -0.065 2.644  -2.613 0.40 7.62  ? 1   DSN A C    1 
HETATM 4   O  O    A DSN A 1 1  ? 0.549  2.506  -1.542 0.40 9.09  ? 1   DSN A O    1 
HETATM 5   C  CB   A DSN A 1 1  ? 0.251  1.223  -4.686 0.40 7.24  ? 1   DSN A CB   1 
HETATM 6   O  OG   A DSN A 1 1  ? 0.661  2.387  -5.375 0.40 5.00  ? 1   DSN A OG   1 
HETATM 7   H  H1   A DSN A 1 1  ? 0.273  0.304  -1.837 0.40 8.13  ? 1   DSN A H1   1 
HETATM 8   H  HB2  A DSN A 1 1  ? -0.298 0.700  -5.291 0.40 8.67  ? 1   DSN A HB2  1 
HETATM 9   H  HB3  A DSN A 1 1  ? 1.044  0.698  -4.495 0.40 8.67  ? 1   DSN A HB3  1 
ATOM   10  N  N    B SER A 1 1  ? -0.410 0.379  -2.599 0.30 10.16 ? 1   SER A N    1 
ATOM   11  N  N    C SER A 1 1  ? -0.877 0.426  -2.318 0.30 7.41  ? 1   SER A N    1 
ATOM   12  C  CA   B SER A 1 1  ? -0.861 1.726  -2.822 0.30 11.08 ? 1   SER A CA   1 
ATOM   13  C  CA   C SER A 1 1  ? -1.294 1.788  -2.599 0.30 8.24  ? 1   SER A CA   1 
ATOM   14  C  C    B SER A 1 1  ? 0.062  2.789  -2.204 0.30 9.50  ? 1   SER A C    1 
ATOM   15  C  C    C SER A 1 1  ? -0.213 2.798  -2.161 0.30 8.11  ? 1   SER A C    1 
ATOM   16  O  O    B SER A 1 1  ? 0.823  2.486  -1.290 0.30 9.37  ? 1   SER A O    1 
ATOM   17  O  O    C SER A 1 1  ? 0.710  2.409  -1.440 0.30 8.36  ? 1   SER A O    1 
ATOM   18  C  CB   B SER A 1 1  ? -2.279 2.006  -2.401 0.30 12.80 ? 1   SER A CB   1 
ATOM   19  C  CB   C SER A 1 1  ? -2.647 2.213  -2.062 0.30 8.43  ? 1   SER A CB   1 
ATOM   20  O  OG   B SER A 1 1  ? -2.487 2.356  -1.049 0.30 13.86 ? 1   SER A OG   1 
ATOM   21  O  OG   C SER A 1 1  ? -3.131 3.452  -2.565 0.30 7.24  ? 1   SER A OG   1 
ATOM   22  H  H1   B SER A 1 1  ? 0.364  0.350  -2.226 0.30 12.18 ? 1   SER A H1   1 
ATOM   23  H  H1   C SER A 1 1  ? -0.471 0.408  -1.561 0.30 8.87  ? 1   SER A H1   1 
ATOM   24  H  HB2  B SER A 1 1  ? -2.621 2.725  -2.954 0.30 15.34 ? 1   SER A HB2  1 
ATOM   25  H  HB2  C SER A 1 1  ? -3.293 1.521  -2.272 0.30 10.09 ? 1   SER A HB2  1 
ATOM   26  H  HB3  B SER A 1 1  ? -2.812 1.218  -2.592 0.30 15.34 ? 1   SER A HB3  1 
ATOM   27  H  HB3  C SER A 1 1  ? -2.590 2.275  -1.094 0.30 10.09 ? 1   SER A HB3  1 
HETATM 28  N  N    . DGL A 1 2  ? -0.080 3.905  -2.975 1.00 8.11  ? 2   DGL A N    1 
HETATM 29  C  CA   . DGL A 1 2  ? 0.831  4.949  -2.547 1.00 7.35  ? 2   DGL A CA   1 
HETATM 30  C  C    . DGL A 1 2  ? 2.274  4.534  -2.673 1.00 6.58  ? 2   DGL A C    1 
HETATM 31  O  O    . DGL A 1 2  ? 3.167  5.058  -1.983 1.00 6.78  ? 2   DGL A O    1 
HETATM 32  C  CB   . DGL A 1 2  ? 0.526  6.232  -3.343 1.00 7.95  ? 2   DGL A CB   1 
HETATM 33  C  CG   . DGL A 1 2  ? 0.650  6.166  -4.854 1.00 7.17  ? 2   DGL A CG   1 
HETATM 34  C  CD   . DGL A 1 2  ? -0.603 5.782  -5.595 1.00 7.23  ? 2   DGL A CD   1 
HETATM 35  O  OE1  . DGL A 1 2  ? -0.649 6.089  -6.830 1.00 7.33  ? 2   DGL A OE1  1 
HETATM 36  O  OE2  . DGL A 1 2  ? -1.497 5.111  -5.033 1.00 7.55  ? 2   DGL A OE2  1 
HETATM 37  H  H    . DGL A 1 2  ? -0.698 4.137  -3.526 1.00 9.71  ? 2   DGL A H    1 
HETATM 38  H  HA   . DGL A 1 2  ? 0.653  5.133  -1.601 1.00 8.80  ? 2   DGL A HA   1 
HETATM 39  H  HB2  . DGL A 1 2  ? -0.379 6.508  -3.130 1.00 9.52  ? 2   DGL A HB2  1 
HETATM 40  H  HB3  . DGL A 1 2  ? 1.122  6.929  -3.025 1.00 9.52  ? 2   DGL A HB3  1 
HETATM 41  H  HG2  . DGL A 1 2  ? 1.344  5.526  -5.075 1.00 8.59  ? 2   DGL A HG2  1 
HETATM 42  H  HG3  . DGL A 1 2  ? 0.941  7.033  -5.175 1.00 8.59  ? 2   DGL A HG3  1 
HETATM 43  N  N    . AIB A 1 3  ? 2.583  3.590  -3.606 1.00 6.92  ? 3   AIB A N    1 
HETATM 44  C  CA   . AIB A 1 3  ? 3.950  3.035  -3.759 1.00 7.34  ? 3   AIB A CA   1 
HETATM 45  C  C    . AIB A 1 3  ? 4.454  2.560  -2.379 1.00 7.11  ? 3   AIB A C    1 
HETATM 46  O  O    . AIB A 1 3  ? 5.610  2.732  -2.008 1.00 7.47  ? 3   AIB A O    1 
HETATM 47  C  CB1  . AIB A 1 3  ? 4.902  4.055  -4.364 1.00 7.41  ? 3   AIB A CB1  1 
HETATM 48  C  CB2  . AIB A 1 3  ? 3.832  1.791  -4.662 1.00 8.04  ? 3   AIB A CB2  1 
HETATM 49  H  H    . AIB A 1 3  ? 1.961  3.304  -4.127 1.00 8.28  ? 3   AIB A H    1 
HETATM 50  H  HB11 . AIB A 1 3  ? 4.606  4.285  -5.248 1.00 8.87  ? 3   AIB A HB11 1 
HETATM 51  H  HB12 . AIB A 1 3  ? 5.785  3.681  -4.409 1.00 8.87  ? 3   AIB A HB12 1 
HETATM 52  H  HB13 . AIB A 1 3  ? 4.916  4.843  -3.816 1.00 8.87  ? 3   AIB A HB13 1 
HETATM 53  H  HB21 . AIB A 1 3  ? 3.191  1.183  -4.286 1.00 9.63  ? 3   AIB A HB21 1 
HETATM 54  H  HB22 . AIB A 1 3  ? 4.685  1.357  -4.724 1.00 9.63  ? 3   AIB A HB22 1 
HETATM 55  H  HB23 . AIB A 1 3  ? 3.544  2.058  -5.538 1.00 9.63  ? 3   AIB A HB23 1 
ATOM   56  N  N    . SER A 1 4  ? 3.582  1.865  -1.656 1.00 7.30  ? 4   SER A N    1 
ATOM   57  C  CA   A SER A 1 4  ? 3.871  1.435  -0.268 0.80 7.45  ? 4   SER A CA   1 
ATOM   58  C  CA   B SER A 1 4  ? 3.848  1.449  -0.279 0.20 7.87  ? 4   SER A CA   1 
ATOM   59  C  C    . SER A 1 4  ? 3.003  0.224  0.034  1.00 7.56  ? 4   SER A C    1 
ATOM   60  O  O    . SER A 1 4  ? 2.128  -0.183 -0.707 1.00 8.12  ? 4   SER A O    1 
ATOM   61  C  CB   A SER A 1 4  ? 3.637  2.566  0.712  0.80 9.32  ? 4   SER A CB   1 
ATOM   62  C  CB   B SER A 1 4  ? 3.563  2.604  0.668  0.20 9.19  ? 4   SER A CB   1 
ATOM   63  O  OG   A SER A 1 4  ? 2.253  2.884  0.808  0.80 10.77 ? 4   SER A OG   1 
ATOM   64  O  OG   B SER A 1 4  ? 3.705  2.255  2.029  0.20 10.36 ? 4   SER A OG   1 
ATOM   65  H  H    A SER A 1 4  ? 2.825  1.657  -2.006 1.00 8.74  ? 4   SER A H    1 
ATOM   66  H  HA   A SER A 1 4  ? 4.812  1.165  -0.214 0.80 8.92  ? 4   SER A HA   1 
ATOM   67  H  HA   B SER A 1 4  ? 4.794  1.205  -0.202 0.20 9.42  ? 4   SER A HA   1 
ATOM   68  H  HB2  A SER A 1 4  ? 3.970  2.310  1.586  0.80 11.16 ? 4   SER A HB2  1 
ATOM   69  H  HB2  B SER A 1 4  ? 4.168  3.334  0.465  0.20 11.00 ? 4   SER A HB2  1 
ATOM   70  H  HB3  A SER A 1 4  ? 4.129  3.350  0.422  0.80 11.16 ? 4   SER A HB3  1 
ATOM   71  H  HB3  B SER A 1 4  ? 2.658  2.920  0.517  0.20 11.00 ? 4   SER A HB3  1 
ATOM   72  N  N    . LEU A 1 5  ? 3.305  -0.380 1.199  1.00 7.96  ? 5   LEU A N    1 
ATOM   73  C  CA   A LEU A 1 5  ? 2.493  -1.441 1.748  0.60 7.80  ? 5   LEU A CA   1 
ATOM   74  C  CA   B LEU A 1 5  ? 2.611  -1.498 1.798  0.40 8.06  ? 5   LEU A CA   1 
ATOM   75  C  C    . LEU A 1 5  ? 2.070  -1.068 3.170  1.00 7.61  ? 5   LEU A C    1 
ATOM   76  O  O    . LEU A 1 5  ? 2.888  -0.840 4.034  1.00 8.87  ? 5   LEU A O    1 
ATOM   77  C  CB   A LEU A 1 5  ? 3.306  -2.740 1.700  0.60 8.44  ? 5   LEU A CB   1 
ATOM   78  C  CB   B LEU A 1 5  ? 3.474  -2.735 2.067  0.40 9.21  ? 5   LEU A CB   1 
ATOM   79  C  CG   A LEU A 1 5  ? 2.558  -3.979 2.167  0.60 10.15 ? 5   LEU A CG   1 
ATOM   80  C  CG   B LEU A 1 5  ? 3.842  -3.593 0.858  0.40 10.23 ? 5   LEU A CG   1 
ATOM   81  C  CD1  A LEU A 1 5  ? 1.383  -4.290 1.268  0.60 11.50 ? 5   LEU A CD1  1 
ATOM   82  C  CD1  B LEU A 1 5  ? 4.914  -4.609 1.184  0.40 11.24 ? 5   LEU A CD1  1 
ATOM   83  C  CD2  A LEU A 1 5  ? 3.544  -5.126 2.232  0.60 10.61 ? 5   LEU A CD2  1 
ATOM   84  C  CD2  B LEU A 1 5  ? 2.627  -4.342 0.307  0.40 10.48 ? 5   LEU A CD2  1 
ATOM   85  H  H    A LEU A 1 5  ? 4.004  -0.125 1.631  1.00 9.53  ? 5   LEU A H    1 
ATOM   86  H  HA   A LEU A 1 5  ? 1.691  -1.547 1.195  0.60 9.35  ? 5   LEU A HA   1 
ATOM   87  H  HA   B LEU A 1 5  ? 1.860  -1.752 1.224  0.40 9.66  ? 5   LEU A HA   1 
ATOM   88  H  HB2  A LEU A 1 5  ? 3.603  -2.884 0.788  0.60 10.11 ? 5   LEU A HB2  1 
ATOM   89  H  HB2  B LEU A 1 5  ? 4.296  -2.443 2.491  0.40 11.03 ? 5   LEU A HB2  1 
ATOM   90  H  HB3  A LEU A 1 5  ? 4.096  -2.630 2.251  0.60 10.11 ? 5   LEU A HB3  1 
ATOM   91  H  HB3  B LEU A 1 5  ? 3.005  -3.297 2.704  0.40 11.03 ? 5   LEU A HB3  1 
ATOM   92  H  HG   A LEU A 1 5  ? 2.219  -3.812 3.071  0.60 12.16 ? 5   LEU A HG   1 
ATOM   93  H  HG   B LEU A 1 5  ? 4.182  -3.001 0.154  0.40 12.26 ? 5   LEU A HG   1 
ATOM   94  H  HD11 A LEU A 1 5  ? 0.934  -5.076 1.589  0.60 13.78 ? 5   LEU A HD11 1 
ATOM   95  H  HD11 B LEU A 1 5  ? 5.115  -5.124 0.400  0.40 13.47 ? 5   LEU A HD11 1 
ATOM   96  H  HD12 A LEU A 1 5  ? 0.772  -3.550 1.271  0.60 13.78 ? 5   LEU A HD12 1 
ATOM   97  H  HD12 B LEU A 1 5  ? 5.706  -4.153 1.479  0.40 13.47 ? 5   LEU A HD12 1 
ATOM   98  H  HD13 A LEU A 1 5  ? 1.695  -4.444 0.373  0.60 13.78 ? 5   LEU A HD13 1 
ATOM   99  H  HD13 B LEU A 1 5  ? 4.602  -5.192 1.880  0.40 13.47 ? 5   LEU A HD13 1 
ATOM   100 H  HD21 A LEU A 1 5  ? 4.272  -4.891 2.810  0.60 12.71 ? 5   LEU A HD21 1 
ATOM   101 H  HD21 B LEU A 1 5  ? 1.933  -3.713 0.093  0.40 12.56 ? 5   LEU A HD21 1 
ATOM   102 H  HD22 A LEU A 1 5  ? 3.103  -5.908 2.575  0.60 12.71 ? 5   LEU A HD22 1 
ATOM   103 H  HD22 B LEU A 1 5  ? 2.879  -4.822 -0.485 0.40 12.56 ? 5   LEU A HD22 1 
ATOM   104 H  HD23 A LEU A 1 5  ? 3.880  -5.309 1.351  0.60 12.71 ? 5   LEU A HD23 1 
ATOM   105 H  HD23 B LEU A 1 5  ? 2.305  -4.960 0.967  0.40 12.56 ? 5   LEU A HD23 1 
HETATM 106 N  N    . DSN A 1 6  ? 0.828  -0.994 3.363  1.00 9.06  ? 6   DSN A N    1 
HETATM 107 C  CA   . DSN A 1 6  ? 0.318  -0.846 4.728  1.00 10.83 ? 6   DSN A CA   1 
HETATM 108 C  C    . DSN A 1 6  ? -1.185 -0.442 4.562  1.00 9.04  ? 6   DSN A C    1 
HETATM 109 O  O    . DSN A 1 6  ? -1.751 -0.342 3.456  1.00 9.73  ? 6   DSN A O    1 
HETATM 110 C  CB   . DSN A 1 6  ? 0.457  -2.222 5.487  1.00 11.37 ? 6   DSN A CB   1 
HETATM 111 O  OG   . DSN A 1 6  ? -0.511 -3.191 5.065  1.00 11.42 ? 6   DSN A OG   1 
HETATM 112 H  H    . DSN A 1 6  ? 0.282  -1.029 2.699  1.00 10.85 ? 6   DSN A H    1 
HETATM 113 H  HB2  . DSN A 1 6  ? 0.355  -2.069 6.440  1.00 13.63 ? 6   DSN A HB2  1 
HETATM 114 H  HB3  . DSN A 1 6  ? 1.346  -2.578 5.337  1.00 13.63 ? 6   DSN A HB3  1 
HETATM 115 N  N    . DGL A 1 7  ? -1.868 -0.351 5.668  1.00 8.26  ? 7   DGL A N    1 
HETATM 116 C  CA   . DGL A 1 7  ? -3.325 -0.208 5.613  1.00 7.56  ? 7   DGL A CA   1 
HETATM 117 C  C    . DGL A 1 7  ? -3.994 -1.302 4.816  1.00 7.65  ? 7   DGL A C    1 
HETATM 118 O  O    . DGL A 1 7  ? -5.034 -1.030 4.232  1.00 7.50  ? 7   DGL A O    1 
HETATM 119 C  CB   . DGL A 1 7  ? -3.868 -0.141 7.050  1.00 7.73  ? 7   DGL A CB   1 
HETATM 120 C  CG   . DGL A 1 7  ? -3.629 1.188  7.734  1.00 7.64  ? 7   DGL A CG   1 
HETATM 121 C  CD   . DGL A 1 7  ? -4.443 2.318  7.128  1.00 7.47  ? 7   DGL A CD   1 
HETATM 122 O  OE1  . DGL A 1 7  ? -3.981 3.486  7.195  1.00 8.49  ? 7   DGL A OE1  1 
HETATM 123 O  OE2  . DGL A 1 7  ? -5.586 2.082  6.683  1.00 7.83  ? 7   DGL A OE2  1 
HETATM 124 H  H    . DGL A 1 7  ? -1.465 -0.375 6.427  1.00 9.89  ? 7   DGL A H    1 
HETATM 125 H  HA   . DGL A 1 7  ? -3.526 0.646  5.176  1.00 9.06  ? 7   DGL A HA   1 
HETATM 126 H  HB2  . DGL A 1 7  ? -3.450 -0.842 7.576  1.00 9.25  ? 7   DGL A HB2  1 
HETATM 127 H  HB3  . DGL A 1 7  ? -4.822 -0.315 7.033  1.00 9.25  ? 7   DGL A HB3  1 
HETATM 128 H  HG2  . DGL A 1 7  ? -2.687 1.410  7.673  1.00 9.15  ? 7   DGL A HG2  1 
HETATM 129 H  HG3  . DGL A 1 7  ? -3.854 1.105  8.674  1.00 9.15  ? 7   DGL A HG3  1 
HETATM 130 N  N    . AIB A 1 8  ? -3.465 -2.512 4.848  1.00 7.95  ? 8   AIB A N    1 
HETATM 131 C  CA   . AIB A 1 8  ? -4.115 -3.605 4.139  1.00 8.52  ? 8   AIB A CA   1 
HETATM 132 C  C    . AIB A 1 8  ? -4.249 -3.270 2.649  1.00 7.96  ? 8   AIB A C    1 
HETATM 133 O  O    . AIB A 1 8  ? -5.169 -3.721 1.960  1.00 8.08  ? 8   AIB A O    1 
HETATM 134 C  CB1  . AIB A 1 8  ? -5.479 -3.936 4.706  1.00 9.65  ? 8   AIB A CB1  1 
HETATM 135 C  CB2  . AIB A 1 8  ? -3.188 -4.840 4.235  1.00 9.78  ? 8   AIB A CB2  1 
HETATM 136 H  H    . AIB A 1 8  ? -2.737 -2.654 5.286  1.00 9.52  ? 8   AIB A H    1 
HETATM 137 H  HB11 . AIB A 1 8  ? -5.419 -4.016 5.661  1.00 11.56 ? 8   AIB A HB11 1 
HETATM 138 H  HB12 . AIB A 1 8  ? -5.787 -4.766 4.334  1.00 11.56 ? 8   AIB A HB12 1 
HETATM 139 H  HB13 . AIB A 1 8  ? -6.098 -3.237 4.482  1.00 11.56 ? 8   AIB A HB13 1 
HETATM 140 H  HB21 . AIB A 1 8  ? -2.289 -4.583 4.016  1.00 11.72 ? 8   AIB A HB21 1 
HETATM 141 H  HB22 . AIB A 1 8  ? -3.487 -5.513 3.619  1.00 11.72 ? 8   AIB A HB22 1 
HETATM 142 H  HB23 . AIB A 1 8  ? -3.213 -5.190 5.128  1.00 11.72 ? 8   AIB A HB23 1 
ATOM   143 N  N    . SER A 1 9  ? -3.255 -2.562 2.123  1.00 7.84  ? 9   SER A N    1 
ATOM   144 C  CA   A SER A 1 9  ? -3.299 -2.181 0.729  0.60 8.37  ? 9   SER A CA   1 
ATOM   145 C  CA   B SER A 1 9  ? -3.295 -2.016 0.768  0.40 8.76  ? 9   SER A CA   1 
ATOM   146 C  C    . SER A 1 9  ? -1.886 -2.070 0.149  1.00 9.14  ? 9   SER A C    1 
ATOM   147 O  O    . SER A 1 9  ? -0.898 -1.920 0.894  1.00 11.03 ? 9   SER A O    1 
ATOM   148 C  CB   A SER A 1 9  ? -4.038 -0.864 0.557  0.60 10.54 ? 9   SER A CB   1 
ATOM   149 C  CB   B SER A 1 9  ? -3.857 -0.609 0.748  0.40 10.41 ? 9   SER A CB   1 
ATOM   150 O  OG   A SER A 1 9  ? -3.105 0.168  0.882  0.60 12.27 ? 9   SER A OG   1 
ATOM   151 O  OG   B SER A 1 9  ? -3.951 0.020  -0.524 0.40 12.75 ? 9   SER A OG   1 
ATOM   152 H  H    A SER A 1 9  ? -2.587 -2.329 2.611  1.00 9.39  ? 9   SER A H    1 
ATOM   153 H  HA   A SER A 1 9  ? -3.783 -2.874 0.234  0.60 10.03 ? 9   SER A HA   1 
ATOM   154 H  HA   B SER A 1 9  ? -3.884 -2.585 0.230  0.40 10.50 ? 9   SER A HA   1 
ATOM   155 H  HB2  A SER A 1 9  ? -4.345 -0.766 -0.357 0.60 12.63 ? 9   SER A HB2  1 
ATOM   156 H  HB2  B SER A 1 9  ? -4.745 -0.634 1.138  0.40 12.48 ? 9   SER A HB2  1 
ATOM   157 H  HB3  A SER A 1 9  ? -4.805 -0.826 1.149  0.60 12.63 ? 9   SER A HB3  1 
ATOM   158 H  HB3  B SER A 1 9  ? -3.304 -0.055 1.319  0.40 12.48 ? 9   SER A HB3  1 
ATOM   159 N  N    . LEU A 1 10 ? -1.806 -2.176 -1.145 1.00 8.43  ? 10  LEU A N    1 
ATOM   160 C  CA   A LEU A 1 10 ? -0.587 -1.953 -1.892 0.60 8.86  ? 10  LEU A CA   1 
ATOM   161 C  CA   B LEU A 1 10 ? -0.633 -2.018 -1.963 0.40 8.95  ? 10  LEU A CA   1 
ATOM   162 C  C    . LEU A 1 10 ? -0.903 -0.821 -2.830 1.00 9.74  ? 10  LEU A C    1 
ATOM   163 O  O    . LEU A 1 10 ? -1.628 -1.026 -3.805 1.00 10.55 ? 10  LEU A O    1 
ATOM   164 C  CB   A LEU A 1 10 ? -0.033 -3.151 -2.706 0.60 9.52  ? 10  LEU A CB   1 
ATOM   165 C  CB   B LEU A 1 10 ? -0.395 -3.307 -2.750 0.40 9.03  ? 10  LEU A CB   1 
ATOM   166 C  CG   A LEU A 1 10 ? 1.459  -3.194 -2.970 0.60 11.42 ? 10  LEU A CG   1 
ATOM   167 C  CG   B LEU A 1 10 ? 0.887  -3.443 -3.520 0.40 9.67  ? 10  LEU A CG   1 
ATOM   168 C  CD1  A LEU A 1 10 ? 1.851  -4.532 -3.611 0.60 11.91 ? 10  LEU A CD1  1 
ATOM   169 C  CD1  B LEU A 1 10 ? 2.087  -3.387 -2.571 0.40 9.88  ? 10  LEU A CD1  1 
ATOM   170 C  CD2  A LEU A 1 10 ? 1.901  -2.084 -3.910 0.60 13.00 ? 10  LEU A CD2  1 
ATOM   171 C  CD2  B LEU A 1 10 ? 0.837  -4.755 -4.303 0.40 9.82  ? 10  LEU A CD2  1 
ATOM   172 H  H    A LEU A 1 10 ? -2.515 -2.392 -1.580 1.00 10.09 ? 10  LEU A H    1 
ATOM   173 H  HA   A LEU A 1 10 ? 0.108  -1.654 -1.269 0.60 10.61 ? 10  LEU A HA   1 
ATOM   174 H  HA   B LEU A 1 10 ? 0.142  -1.838 -1.391 0.40 10.72 ? 10  LEU A HA   1 
ATOM   175 H  HB2  A LEU A 1 10 ? -0.275 -3.966 -2.239 0.60 11.40 ? 10  LEU A HB2  1 
ATOM   176 H  HB2  B LEU A 1 10 ? -0.446 -4.048 -2.126 0.40 10.82 ? 10  LEU A HB2  1 
ATOM   177 H  HB3  A LEU A 1 10 ? -0.487 -3.165 -3.562 0.60 11.40 ? 10  LEU A HB3  1 
ATOM   178 H  HB3  B LEU A 1 10 ? -1.128 -3.410 -3.376 0.40 10.82 ? 10  LEU A HB3  1 
ATOM   179 H  HG   A LEU A 1 10 ? 1.934  -3.097 -2.119 0.60 13.68 ? 10  LEU A HG   1 
ATOM   180 H  HG   B LEU A 1 10 ? 0.954  -2.701 -4.155 0.40 11.58 ? 10  LEU A HG   1 
ATOM   181 H  HD11 A LEU A 1 10 ? 2.798  -4.543 -3.772 0.60 14.28 ? 10  LEU A HD11 1 
ATOM   182 H  HD11 B LEU A 1 10 ? 2.899  -3.476 -3.076 0.40 11.84 ? 10  LEU A HD11 1 
ATOM   183 H  HD12 A LEU A 1 10 ? 1.619  -5.250 -3.019 0.60 14.28 ? 10  LEU A HD12 1 
ATOM   184 H  HD12 B LEU A 1 10 ? 2.088  -2.546 -2.108 0.40 11.84 ? 10  LEU A HD12 1 
ATOM   185 H  HD13 A LEU A 1 10 ? 1.384  -4.638 -4.442 0.60 14.28 ? 10  LEU A HD13 1 
ATOM   186 H  HD13 B LEU A 1 10 ? 2.026  -4.104 -1.935 0.40 11.84 ? 10  LEU A HD13 1 
ATOM   187 H  HD21 A LEU A 1 10 ? 2.849  -2.144 -4.053 0.60 15.58 ? 10  LEU A HD21 1 
ATOM   188 H  HD21 B LEU A 1 10 ? 1.650  -4.860 -4.802 0.40 11.76 ? 10  LEU A HD21 1 
ATOM   189 H  HD22 A LEU A 1 10 ? 1.445  -2.174 -4.750 0.60 15.58 ? 10  LEU A HD22 1 
ATOM   190 H  HD22 B LEU A 1 10 ? 0.739  -5.490 -3.693 0.40 11.76 ? 10  LEU A HD22 1 
ATOM   191 H  HD23 A LEU A 1 10 ? 1.689  -1.232 -3.522 0.60 15.58 ? 10  LEU A HD23 1 
ATOM   192 H  HD23 B LEU A 1 10 ? 0.090  -4.739 -4.906 0.40 11.76 ? 10  LEU A HD23 1 
HETATM 193 CA CA   . CA  B 2 .  ? -2.896 4.735  -7.051 1.00 7.07  ? 101 CA  A CA   1 
HETATM 194 O  O    B HOH C 3 .  ? -0.092 -4.283 2.796  0.50 9.59  ? 201 HOH A O    1 
HETATM 195 O  O    . HOH C 3 .  ? -1.544 4.071  6.195  1.00 15.62 ? 202 HOH A O    1 
HETATM 196 O  O    . HOH C 3 .  ? -5.952 1.504  3.805  1.00 10.02 ? 203 HOH A O    1 
HETATM 197 O  O    . HOH C 3 .  ? -4.003 3.696  -5.201 1.00 9.04  ? 204 HOH A O    1 
HETATM 198 O  O    . HOH C 3 .  ? -2.358 5.227  -0.535 1.00 27.57 ? 205 HOH A O    1 
HETATM 199 O  O    . HOH C 3 .  ? -7.615 -2.249 1.781  1.00 9.92  ? 206 HOH A O    1 
HETATM 200 O  O    . HOH C 3 .  ? -1.065 3.220  -7.511 1.00 7.29  ? 207 HOH A O    1 
HETATM 201 O  O    . HOH C 3 .  ? -0.538 1.463  1.255  1.00 38.92 ? 208 HOH A O    1 
HETATM 202 O  O    B HOH C 3 .  ? 0.620  2.345  -5.505 1.00 21.68 ? 209 HOH A O    1 
HETATM 203 O  O    . HOH C 3 .  ? -4.579 6.148  -2.437 1.00 54.45 ? 210 HOH A O    1 
HETATM 204 O  O    . HOH C 3 .  ? -6.256 0.109  -2.682 1.00 37.31 ? 211 HOH A O    1 
HETATM 205 O  O    B HOH C 3 .  ? 0.176  -0.098 -6.284 0.50 17.13 ? 212 HOH A O    1 
HETATM 206 O  O    . HOH C 3 .  ? 0.358  5.278  2.251  1.00 66.05 ? 213 HOH A O    1 
HETATM 207 O  O    . HOH C 3 .  ? -2.305 3.671  2.268  1.00 55.76 ? 214 HOH A O    1 
HETATM 208 O  O    . HOH C 3 .  ? -7.276 0.412  1.671  1.00 12.72 ? 215 HOH A O    1 
# 
loop_
_atom_site_anisotrop.id 
_atom_site_anisotrop.type_symbol 
_atom_site_anisotrop.pdbx_label_atom_id 
_atom_site_anisotrop.pdbx_label_alt_id 
_atom_site_anisotrop.pdbx_label_comp_id 
_atom_site_anisotrop.pdbx_label_asym_id 
_atom_site_anisotrop.pdbx_label_seq_id 
_atom_site_anisotrop.pdbx_PDB_ins_code 
_atom_site_anisotrop.U[1][1] 
_atom_site_anisotrop.U[2][2] 
_atom_site_anisotrop.U[3][3] 
_atom_site_anisotrop.U[1][2] 
_atom_site_anisotrop.U[1][3] 
_atom_site_anisotrop.U[2][3] 
_atom_site_anisotrop.pdbx_auth_seq_id 
_atom_site_anisotrop.pdbx_auth_comp_id 
_atom_site_anisotrop.pdbx_auth_asym_id 
_atom_site_anisotrop.pdbx_auth_atom_id 
1   N  N   A DSN A 1  ? 0.0550 0.1007 0.1023 0.0112  -0.0367 0.0109  1   DSN A N   
2   C  CA  A DSN A 1  ? 0.0867 0.1003 0.1115 -0.0072 -0.0236 0.0017  1   DSN A CA  
3   C  C   A DSN A 1  ? 0.0824 0.1138 0.0933 -0.0126 -0.0355 0.0046  1   DSN A C   
4   O  O   A DSN A 1  ? 0.1042 0.1209 0.1202 -0.0173 -0.0459 0.0245  1   DSN A O   
5   C  CB  A DSN A 1  ? 0.0963 0.0969 0.0820 -0.0053 -0.0226 -0.0006 1   DSN A CB  
6   O  OG  A DSN A 1  ? 0.0506 0.0854 0.0539 -0.0010 -0.0293 -0.0051 1   DSN A OG  
10  N  N   B SER A 1  ? 0.0780 0.1434 0.1648 -0.0145 -0.0558 0.0096  1   SER A N   
11  N  N   C SER A 1  ? 0.0709 0.1144 0.0962 -0.0384 -0.0343 0.0256  1   SER A N   
12  C  CA  B SER A 1  ? 0.0866 0.1482 0.1862 -0.0171 -0.0344 0.0048  1   SER A CA  
13  C  CA  C SER A 1  ? 0.0682 0.1329 0.1121 -0.0301 -0.0377 0.0318  1   SER A CA  
14  C  C   B SER A 1  ? 0.0756 0.1382 0.1472 -0.0178 -0.0382 0.0058  1   SER A C   
15  C  C   C SER A 1  ? 0.0704 0.1288 0.1087 -0.0263 -0.0421 0.0162  1   SER A C   
16  O  O   B SER A 1  ? 0.0794 0.1412 0.1355 -0.0159 -0.0546 0.0123  1   SER A O   
17  O  O   C SER A 1  ? 0.0820 0.1285 0.1071 -0.0230 -0.0496 0.0191  1   SER A O   
18  C  CB  B SER A 1  ? 0.1185 0.1609 0.2069 -0.0183 -0.0157 -0.0111 1   SER A CB  
19  C  CB  C SER A 1  ? 0.0693 0.1572 0.0937 -0.0250 -0.0328 0.0317  1   SER A CB  
20  O  OG  B SER A 1  ? 0.1287 0.1666 0.2315 -0.0182 0.0020  -0.0196 1   SER A OG  
21  O  OG  C SER A 1  ? 0.0538 0.1463 0.0751 -0.0157 -0.0197 0.0334  1   SER A OG  
28  N  N   . DGL A 2  ? 0.0693 0.1234 0.1153 -0.0078 -0.0188 0.0042  2   DGL A N   
29  C  CA  . DGL A 2  ? 0.0622 0.1210 0.0961 0.0095  -0.0068 0.0047  2   DGL A CA  
30  C  C   . DGL A 2  ? 0.0801 0.1169 0.0528 0.0020  -0.0227 -0.0105 2   DGL A C   
31  O  O   . DGL A 2  ? 0.0688 0.1001 0.0886 0.0021  -0.0167 -0.0079 2   DGL A O   
32  C  CB  . DGL A 2  ? 0.0683 0.1177 0.1161 0.0040  -0.0054 0.0028  2   DGL A CB  
33  C  CG  . DGL A 2  ? 0.0822 0.1024 0.0878 -0.0047 -0.0087 -0.0111 2   DGL A CG  
34  C  CD  . DGL A 2  ? 0.0866 0.1080 0.0800 0.0018  -0.0075 -0.0142 2   DGL A CD  
35  O  OE1 . DGL A 2  ? 0.0824 0.1118 0.0841 0.0051  0.0010  -0.0072 2   DGL A OE1 
36  O  OE2 . DGL A 2  ? 0.0886 0.1190 0.0791 0.0001  -0.0064 -0.0056 2   DGL A OE2 
43  N  N   . AIB A 3  ? 0.0700 0.1069 0.0859 0.0004  -0.0179 -0.0041 3   AIB A N   
44  C  CA  . AIB A 3  ? 0.0811 0.1130 0.0845 0.0059  -0.0140 -0.0114 3   AIB A CA  
45  C  C   . AIB A 3  ? 0.0741 0.1084 0.0876 0.0005  -0.0174 -0.0222 3   AIB A C   
46  O  O   . AIB A 3  ? 0.0786 0.1109 0.0942 -0.0006 -0.0163 -0.0148 3   AIB A O   
47  C  CB1 . AIB A 3  ? 0.0844 0.1229 0.0742 0.0163  -0.0113 -0.0114 3   AIB A CB1 
48  C  CB2 . AIB A 3  ? 0.0849 0.1185 0.1022 0.0076  -0.0103 -0.0100 3   AIB A CB2 
56  N  N   . SER A 4  ? 0.0714 0.1240 0.0818 -0.0103 -0.0311 -0.0202 4   SER A N   
57  C  CA  A SER A 4  ? 0.0745 0.1323 0.0762 -0.0040 -0.0256 -0.0190 4   SER A CA  
58  C  CA  B SER A 4  ? 0.0791 0.1325 0.0873 -0.0098 -0.0227 -0.0130 4   SER A CA  
59  C  C   . SER A 4  ? 0.0664 0.1389 0.0819 -0.0053 -0.0233 -0.0110 4   SER A C   
60  O  O   . SER A 4  ? 0.0718 0.1367 0.0999 -0.0010 -0.0157 -0.0012 4   SER A O   
61  C  CB  A SER A 4  ? 0.1017 0.1437 0.1086 0.0101  -0.0181 -0.0069 4   SER A CB  
62  C  CB  B SER A 4  ? 0.1030 0.1380 0.1079 -0.0115 -0.0132 -0.0041 4   SER A CB  
63  O  OG  A SER A 4  ? 0.1274 0.1486 0.1333 0.0176  -0.0072 -0.0221 4   SER A OG  
64  O  OG  B SER A 4  ? 0.1276 0.1412 0.1250 -0.0169 -0.0027 -0.0041 4   SER A OG  
72  N  N   . LEU A 5  ? 0.0709 0.1437 0.0877 -0.0140 -0.0086 -0.0195 5   LEU A N   
73  C  CA  A LEU A 5  ? 0.0715 0.1385 0.0864 -0.0086 -0.0133 -0.0123 5   LEU A CA  
74  C  CA  B LEU A 5  ? 0.0680 0.1446 0.0938 0.0001  -0.0064 -0.0105 5   LEU A CA  
75  C  C   . LEU A 5  ? 0.0638 0.1517 0.0738 -0.0016 -0.0127 -0.0190 5   LEU A C   
76  O  O   . LEU A 5  ? 0.0732 0.1693 0.0946 0.0002  -0.0166 -0.0144 5   LEU A O   
77  C  CB  A LEU A 5  ? 0.0905 0.1365 0.0935 -0.0115 -0.0281 -0.0045 5   LEU A CB  
78  C  CB  B LEU A 5  ? 0.0825 0.1455 0.1219 0.0143  0.0024  -0.0004 5   LEU A CB  
79  C  CG  A LEU A 5  ? 0.1243 0.1330 0.1282 -0.0129 -0.0169 0.0061  5   LEU A CG  
80  C  CG  B LEU A 5  ? 0.1059 0.1440 0.1389 0.0215  0.0094  -0.0011 5   LEU A CG  
81  C  CD1 A LEU A 5  ? 0.1365 0.1336 0.1666 -0.0242 -0.0244 0.0184  5   LEU A CD1 
82  C  CD1 B LEU A 5  ? 0.1192 0.1473 0.1607 0.0257  0.0112  0.0133  5   LEU A CD1 
83  C  CD2 A LEU A 5  ? 0.1585 0.1356 0.1091 -0.0075 -0.0019 0.0038  5   LEU A CD2 
84  C  CD2 B LEU A 5  ? 0.1338 0.1380 0.1264 0.0221  0.0128  -0.0118 5   LEU A CD2 
106 N  N   . DSN A 6  ? 0.0797 0.1720 0.0926 -0.0091 -0.0026 -0.0406 6   DSN A N   
107 C  CA  . DSN A 6  ? 0.1076 0.1775 0.1265 -0.0073 0.0191  -0.0269 6   DSN A CA  
108 C  C   . DSN A 6  ? 0.0943 0.1563 0.0930 -0.0123 0.0117  -0.0346 6   DSN A C   
109 O  O   . DSN A 6  ? 0.1029 0.1614 0.1054 -0.0162 0.0139  -0.0246 6   DSN A O   
110 C  CB  . DSN A 6  ? 0.1249 0.1699 0.1373 -0.0114 0.0193  -0.0318 6   DSN A CB  
111 O  OG  . DSN A 6  ? 0.1337 0.1545 0.1457 -0.0045 -0.0048 -0.0085 6   DSN A OG  
115 N  N   . DGL A 7  ? 0.0694 0.1450 0.0993 0.0046  0.0084  -0.0210 7   DGL A N   
116 C  CA  . DGL A 7  ? 0.0800 0.1255 0.0818 0.0076  0.0018  -0.0143 7   DGL A CA  
117 C  C   . DGL A 7  ? 0.0767 0.1303 0.0835 0.0024  -0.0158 -0.0091 7   DGL A C   
118 O  O   . DGL A 7  ? 0.0699 0.1259 0.0890 0.0059  -0.0166 -0.0027 7   DGL A O   
119 C  CB  . DGL A 7  ? 0.0731 0.1128 0.1076 0.0104  0.0079  -0.0194 7   DGL A CB  
120 C  CG  . DGL A 7  ? 0.0833 0.1228 0.0842 0.0117  -0.0064 -0.0111 7   DGL A CG  
121 C  CD  . DGL A 7  ? 0.0769 0.1281 0.0787 0.0022  -0.0061 -0.0275 7   DGL A CD  
122 O  OE1 . DGL A 7  ? 0.0888 0.1378 0.0961 -0.0021 -0.0085 -0.0144 7   DGL A OE1 
123 O  OE2 . DGL A 7  ? 0.0704 0.1182 0.1087 0.0060  -0.0127 -0.0187 7   DGL A OE2 
130 N  N   . AIB A 8  ? 0.0862 0.1308 0.0849 0.0072  -0.0151 -0.0063 8   AIB A N   
131 C  CA  . AIB A 8  ? 0.1004 0.1192 0.1040 -0.0048 -0.0186 -0.0011 8   AIB A CA  
132 C  C   . AIB A 8  ? 0.0836 0.1259 0.0930 0.0049  -0.0083 -0.0165 8   AIB A C   
133 O  O   . AIB A 8  ? 0.0970 0.1275 0.0823 0.0048  -0.0157 -0.0092 8   AIB A O   
134 C  CB1 . AIB A 8  ? 0.1101 0.1234 0.1332 -0.0029 -0.0068 0.0206  8   AIB A CB1 
135 C  CB2 . AIB A 8  ? 0.1317 0.1221 0.1178 -0.0003 -0.0317 0.0095  8   AIB A CB2 
143 N  N   . SER A 9  ? 0.0772 0.1476 0.0730 0.0078  -0.0127 -0.0241 9   SER A N   
144 C  CA  A SER A 9  ? 0.0871 0.1452 0.0859 -0.0122 -0.0174 -0.0275 9   SER A CA  
145 C  CA  B SER A 9  ? 0.0683 0.1675 0.0971 -0.0015 -0.0166 -0.0138 9   SER A CA  
146 C  C   . SER A 9  ? 0.0769 0.1787 0.0916 -0.0057 -0.0092 -0.0262 9   SER A C   
147 O  O   . SER A 9  ? 0.0867 0.2339 0.0984 -0.0065 -0.0072 -0.0323 9   SER A O   
148 C  CB  A SER A 9  ? 0.1312 0.1312 0.1378 -0.0188 -0.0007 -0.0048 9   SER A CB  
149 C  CB  B SER A 9  ? 0.0733 0.1819 0.1404 0.0019  -0.0082 0.0098  9   SER A CB  
150 O  OG  A SER A 9  ? 0.1619 0.1315 0.1728 -0.0174 0.0060  0.0080  9   SER A OG  
151 O  OG  B SER A 9  ? 0.0925 0.2009 0.1909 0.0114  0.0122  0.0275  9   SER A OG  
159 N  N   . LEU A 10 ? 0.0717 0.1584 0.0901 0.0070  -0.0017 -0.0198 10  LEU A N   
160 C  CA  A LEU A 10 ? 0.0740 0.1690 0.0934 0.0122  -0.0054 -0.0184 10  LEU A CA  
161 C  CA  B LEU A 10 ? 0.0758 0.1613 0.1030 0.0051  -0.0093 -0.0133 10  LEU A CA  
162 C  C   . LEU A 10 ? 0.0717 0.1683 0.1304 0.0066  -0.0073 0.0042  10  LEU A C   
163 O  O   . LEU A 10 ? 0.1038 0.1598 0.1372 -0.0057 -0.0248 0.0011  10  LEU A O   
164 C  CB  A LEU A 10 ? 0.0904 0.1788 0.0924 -0.0035 -0.0098 -0.0378 10  LEU A CB  
165 C  CB  B LEU A 10 ? 0.0828 0.1527 0.1075 -0.0154 -0.0165 -0.0313 10  LEU A CB  
166 C  CG  A LEU A 10 ? 0.1255 0.1824 0.1258 0.0067  0.0116  -0.0391 10  LEU A CG  
167 C  CG  B LEU A 10 ? 0.0901 0.1559 0.1212 -0.0042 -0.0153 -0.0339 10  LEU A CG  
168 C  CD1 A LEU A 10 ? 0.1324 0.1819 0.1383 0.0068  0.0165  -0.0346 10  LEU A CD1 
169 C  CD1 B LEU A 10 ? 0.0975 0.1643 0.1136 0.0049  -0.0242 -0.0264 10  LEU A CD1 
170 C  CD2 A LEU A 10 ? 0.1302 0.1871 0.1767 0.0022  0.0259  -0.0275 10  LEU A CD2 
171 C  CD2 B LEU A 10 ? 0.1016 0.1559 0.1157 -0.0032 -0.0162 -0.0382 10  LEU A CD2 
193 CA CA  . CA  B .  ? 0.0719 0.1124 0.0842 -0.0009 -0.0124 -0.0132 101 CA  A CA  
194 O  O   B HOH C .  ? 0.1221 0.1213 0.1208 0.0115  -0.0169 -0.0263 201 HOH A O   
195 O  O   . HOH C .  ? 0.1206 0.2673 0.2057 0.0222  0.0113  0.0173  202 HOH A O   
196 O  O   . HOH C .  ? 0.1111 0.1399 0.1296 0.0164  -0.0037 -0.0149 203 HOH A O   
197 O  O   . HOH C .  ? 0.0946 0.1584 0.0907 -0.0072 0.0031  -0.0004 204 HOH A O   
198 O  O   . HOH C .  ? 0.3544 0.3740 0.3191 0.0429  0.1089  0.0178  205 HOH A O   
199 O  O   . HOH C .  ? 0.0954 0.1677 0.1139 0.0055  -0.0152 -0.0317 206 HOH A O   
200 O  O   . HOH C .  ? 0.0690 0.1219 0.0862 -0.0009 -0.0231 -0.0071 207 HOH A O   
201 O  O   . HOH C .  ? 0.5066 0.5236 0.4486 0.0421  0.0666  0.1945  208 HOH A O   
202 O  O   B HOH C .  ? 0.2140 0.3108 0.2989 -0.0233 0.0766  -0.0854 209 HOH A O   
203 O  O   . HOH C .  ? 0.6337 0.7362 0.6989 -0.2606 0.1438  0.2483  210 HOH A O   
204 O  O   . HOH C .  ? 0.6972 0.3220 0.3983 0.0800  -0.1073 -0.1545 211 HOH A O   
205 O  O   B HOH C .  ? 0.1756 0.1569 0.3183 -0.0040 -0.1090 0.0118  212 HOH A O   
206 O  O   . HOH C .  ? 0.4259 1.1619 0.9219 -0.0307 -0.1883 -0.1639 213 HOH A O   
207 O  O   . HOH C .  ? 0.6440 0.6588 0.8160 -0.1132 0.3552  -0.1524 214 HOH A O   
208 O  O   . HOH C .  ? 0.1290 0.1848 0.1696 0.0180  -0.0312 -0.0388 215 HOH A O   
# 
